data_3KIA
#
_entry.id   3KIA
#
_cell.length_a   109.010
_cell.length_b   109.010
_cell.length_c   313.418
_cell.angle_alpha   90.00
_cell.angle_beta   90.00
_cell.angle_gamma   120.00
#
_symmetry.space_group_name_H-M   'P 65 2 2'
#
loop_
_entity.id
_entity.type
_entity.pdbx_description
1 polymer 'Mannosyl-3-phosphoglycerate synthase'
2 non-polymer "GUANOSINE-5'-MONOPHOSPHATE"
3 non-polymer 'CHLORIDE ION'
4 non-polymer 'MAGNESIUM ION'
5 water water
#
_entity_poly.entity_id   1
_entity_poly.type   'polypeptide(L)'
_entity_poly.pdbx_seq_one_letter_code
;MHHHHHHSSGLVPRGSGMKETAAAKFERQHMDSPDLGTDDDDKAMADIGSEFMSTYHERPLGPASAAEWFRQRSYDYGQF
PPEDLARRKRELGLTVSAVLPSRNVADTVGGIIDEIHALNERAPLIDQILVVDADSEDGTAGVAASHGAEVYSENELMSG
YGDAHGKGDAMWRALSVTRGDLVLYIDADTRDFRPQLAYGVLGPVLEVPGVRFVKAAYRRPFRKGESIEEDGGGRVTELT
AKPLFNLFYPELAGFVQPLAGEFVADRELFCSIPFLTGYAVETGIMIDVLKKVGLGAMAQVDLGERQNRHQHLRDLSRMS
YAVVRAVARRLRQEGRLQQLREPGLPESFFQLSDYLHAVATPEGLKLQEYVEELVERPPINEVLRVR
;
_entity_poly.pdbx_strand_id   A,C
#
loop_
_chem_comp.id
_chem_comp.type
_chem_comp.name
_chem_comp.formula
5GP non-polymer GUANOSINE-5'-MONOPHOSPHATE 'C10 H14 N5 O8 P'
CL non-polymer 'CHLORIDE ION' 'Cl -1'
MG non-polymer 'MAGNESIUM ION' 'Mg 2'
#
# COMPACT_ATOMS: atom_id res chain seq x y z
N ALA A 66 19.34 5.63 11.04
CA ALA A 66 17.89 5.59 11.18
C ALA A 66 17.45 6.49 12.32
N ALA A 67 17.83 6.13 13.54
CA ALA A 67 17.45 6.93 14.69
C ALA A 67 18.50 8.00 14.98
N GLU A 68 19.76 7.65 14.79
CA GLU A 68 20.83 8.63 14.97
C GLU A 68 20.71 9.70 13.89
N TRP A 69 20.21 9.28 12.72
CA TRP A 69 19.99 10.19 11.62
C TRP A 69 18.84 11.16 11.89
N PHE A 70 17.76 10.62 12.45
CA PHE A 70 16.54 11.40 12.66
C PHE A 70 16.81 12.59 13.55
N ARG A 71 17.58 12.33 14.61
CA ARG A 71 17.95 13.36 15.58
C ARG A 71 18.80 14.45 14.93
N GLN A 72 19.80 14.03 14.16
CA GLN A 72 20.83 14.92 13.65
C GLN A 72 20.51 15.58 12.31
N ARG A 73 19.45 15.11 11.65
CA ARG A 73 19.18 15.59 10.30
C ARG A 73 17.76 16.10 10.05
N SER A 74 16.91 16.12 11.09
CA SER A 74 15.61 16.76 10.96
C SER A 74 15.69 18.19 11.49
N TYR A 75 15.08 19.13 10.78
CA TYR A 75 15.15 20.54 11.14
C TYR A 75 13.76 21.18 11.10
N ASP A 76 13.62 22.32 11.79
CA ASP A 76 12.41 23.12 11.66
C ASP A 76 12.74 24.33 10.79
N TYR A 77 11.79 24.75 9.96
CA TYR A 77 12.05 25.82 9.01
C TYR A 77 12.27 27.17 9.71
N GLY A 78 11.87 27.23 10.98
CA GLY A 78 12.10 28.41 11.80
C GLY A 78 13.58 28.66 11.97
N GLN A 79 14.36 27.60 11.85
CA GLN A 79 15.81 27.69 11.95
C GLN A 79 16.46 28.45 10.80
N PHE A 80 15.74 28.61 9.70
CA PHE A 80 16.29 29.26 8.53
C PHE A 80 15.44 30.43 8.08
N PRO A 81 15.58 31.58 8.74
CA PRO A 81 14.89 32.76 8.22
C PRO A 81 15.38 33.05 6.81
N PRO A 82 14.47 33.42 5.89
CA PRO A 82 14.72 33.70 4.48
C PRO A 82 15.85 34.70 4.25
N GLU A 83 15.93 35.73 5.08
CA GLU A 83 16.95 36.75 4.93
C GLU A 83 18.35 36.21 5.23
N ASP A 84 18.44 35.31 6.20
CA ASP A 84 19.71 34.67 6.53
C ASP A 84 20.17 33.80 5.36
N LEU A 85 19.27 32.97 4.83
CA LEU A 85 19.58 32.12 3.69
C LEU A 85 20.02 32.95 2.48
N ALA A 86 19.25 34.00 2.18
CA ALA A 86 19.57 34.86 1.06
C ALA A 86 21.00 35.36 1.22
N ARG A 87 21.32 35.84 2.42
CA ARG A 87 22.65 36.36 2.72
C ARG A 87 23.69 35.26 2.59
N ARG A 88 23.33 34.06 3.04
CA ARG A 88 24.22 32.92 2.96
C ARG A 88 24.43 32.48 1.50
N LYS A 89 23.35 32.56 0.73
CA LYS A 89 23.39 32.21 -0.69
C LYS A 89 24.32 33.13 -1.47
N ARG A 90 24.14 34.44 -1.29
CA ARG A 90 25.00 35.43 -1.94
C ARG A 90 26.45 35.20 -1.52
N GLU A 91 26.66 34.98 -0.23
CA GLU A 91 28.00 34.70 0.29
C GLU A 91 28.64 33.53 -0.42
N LEU A 92 27.83 32.54 -0.77
CA LEU A 92 28.35 31.29 -1.30
C LEU A 92 28.41 31.28 -2.83
N GLY A 93 27.73 32.23 -3.45
CA GLY A 93 27.74 32.34 -4.90
C GLY A 93 26.87 31.32 -5.64
N LEU A 94 26.04 30.60 -4.90
CA LEU A 94 25.16 29.61 -5.50
C LEU A 94 23.86 30.20 -6.07
N THR A 95 23.41 29.63 -7.19
CA THR A 95 22.13 29.99 -7.78
C THR A 95 21.12 28.85 -7.58
N VAL A 96 19.85 29.20 -7.47
CA VAL A 96 18.80 28.19 -7.29
C VAL A 96 17.77 28.24 -8.43
N SER A 97 17.48 27.08 -9.01
CA SER A 97 16.38 26.97 -9.97
C SER A 97 15.23 26.21 -9.33
N ALA A 98 14.05 26.82 -9.33
CA ALA A 98 12.84 26.14 -8.88
C ALA A 98 12.17 25.46 -10.08
N VAL A 99 11.90 24.18 -9.98
CA VAL A 99 11.24 23.48 -11.07
C VAL A 99 9.84 23.04 -10.66
N LEU A 100 8.84 23.42 -11.46
CA LEU A 100 7.45 23.11 -11.15
C LEU A 100 6.80 22.23 -12.22
N PRO A 101 6.86 20.89 -12.04
CA PRO A 101 6.16 20.03 -13.00
C PRO A 101 4.67 20.37 -12.94
N SER A 102 4.08 20.71 -14.08
CA SER A 102 2.71 21.18 -14.08
C SER A 102 1.79 20.39 -15.00
N ARG A 103 0.68 19.94 -14.43
CA ARG A 103 -0.32 19.23 -15.20
C ARG A 103 -1.71 19.63 -14.73
N ASN A 104 -2.36 20.47 -15.52
CA ASN A 104 -3.70 20.98 -15.22
C ASN A 104 -3.78 21.61 -13.84
N VAL A 105 -2.94 22.62 -13.64
CA VAL A 105 -2.90 23.33 -12.36
C VAL A 105 -3.13 24.82 -12.59
N ALA A 106 -3.90 25.15 -13.62
CA ALA A 106 -4.20 26.52 -14.00
C ALA A 106 -4.73 27.34 -12.84
N ASP A 107 -5.42 26.68 -11.91
CA ASP A 107 -6.01 27.38 -10.78
C ASP A 107 -5.03 27.63 -9.63
N THR A 108 -3.82 27.08 -9.71
CA THR A 108 -2.86 27.19 -8.61
C THR A 108 -1.46 27.72 -8.94
N VAL A 109 -0.93 27.44 -10.13
CA VAL A 109 0.44 27.87 -10.42
C VAL A 109 0.60 29.36 -10.23
N GLY A 110 -0.41 30.11 -10.64
CA GLY A 110 -0.35 31.56 -10.58
C GLY A 110 0.03 32.02 -9.19
N GLY A 111 -0.69 31.52 -8.19
CA GLY A 111 -0.45 31.91 -6.81
C GLY A 111 0.95 31.57 -6.35
N ILE A 112 1.43 30.40 -6.73
CA ILE A 112 2.74 29.94 -6.31
C ILE A 112 3.83 30.83 -6.92
N ILE A 113 3.75 31.03 -8.23
CA ILE A 113 4.68 31.92 -8.90
C ILE A 113 4.69 33.32 -8.27
N ASP A 114 3.52 33.83 -7.91
CA ASP A 114 3.40 35.13 -7.24
C ASP A 114 4.11 35.14 -5.87
N GLU A 115 3.81 34.13 -5.05
CA GLU A 115 4.42 34.00 -3.73
C GLU A 115 5.95 33.97 -3.80
N ILE A 116 6.47 33.23 -4.75
CA ILE A 116 7.91 33.11 -4.94
C ILE A 116 8.53 34.45 -5.34
N HIS A 117 7.82 35.22 -6.18
CA HIS A 117 8.26 36.57 -6.52
C HIS A 117 8.22 37.44 -5.28
N ALA A 118 7.16 37.29 -4.49
CA ALA A 118 7.05 38.03 -3.24
C ALA A 118 8.25 37.72 -2.36
N LEU A 119 8.56 36.43 -2.21
CA LEU A 119 9.68 36.02 -1.38
C LEU A 119 10.98 36.62 -1.89
N ASN A 120 11.22 36.51 -3.18
CA ASN A 120 12.45 37.05 -3.76
C ASN A 120 12.65 38.52 -3.42
N GLU A 121 11.54 39.26 -3.30
CA GLU A 121 11.61 40.68 -2.99
C GLU A 121 12.14 40.88 -1.55
N ARG A 122 11.65 40.06 -0.62
CA ARG A 122 12.12 40.09 0.77
C ARG A 122 13.52 39.52 0.87
N ALA A 123 13.74 38.40 0.18
CA ALA A 123 15.00 37.68 0.26
C ALA A 123 15.30 36.98 -1.05
N PRO A 124 16.27 37.50 -1.82
CA PRO A 124 16.68 36.88 -3.09
C PRO A 124 17.13 35.44 -2.89
N LEU A 125 16.27 34.49 -3.21
CA LEU A 125 16.59 33.07 -3.01
C LEU A 125 16.43 32.19 -4.26
N ILE A 126 15.41 32.45 -5.07
CA ILE A 126 15.20 31.64 -6.28
C ILE A 126 15.52 32.45 -7.54
N ASP A 127 16.50 31.98 -8.31
CA ASP A 127 16.98 32.70 -9.48
C ASP A 127 16.18 32.42 -10.76
N GLN A 128 15.73 31.18 -10.90
CA GLN A 128 14.99 30.78 -12.08
C GLN A 128 13.72 30.03 -11.69
N ILE A 129 12.57 30.52 -12.12
CA ILE A 129 11.32 29.82 -11.87
C ILE A 129 10.92 29.09 -13.14
N LEU A 130 10.83 27.77 -13.05
CA LEU A 130 10.75 26.92 -14.22
C LEU A 130 9.51 26.02 -14.17
N VAL A 131 8.47 26.38 -14.92
CA VAL A 131 7.27 25.55 -15.04
C VAL A 131 7.38 24.60 -16.25
N VAL A 132 7.44 23.31 -16.00
CA VAL A 132 7.48 22.32 -17.08
C VAL A 132 6.11 21.67 -17.27
N ASP A 133 5.36 22.18 -18.26
CA ASP A 133 3.95 21.85 -18.43
C ASP A 133 3.71 20.55 -19.20
N ALA A 134 2.64 19.85 -18.85
CA ALA A 134 2.26 18.64 -19.56
C ALA A 134 1.22 18.93 -20.62
N ASP A 135 1.45 19.97 -21.41
CA ASP A 135 0.51 20.41 -22.44
C ASP A 135 -0.91 20.41 -21.88
N SER A 136 -1.06 21.03 -20.72
CA SER A 136 -2.32 21.00 -19.99
C SER A 136 -3.47 21.59 -20.78
N GLU A 137 -4.53 20.81 -20.95
CA GLU A 137 -5.71 21.27 -21.66
C GLU A 137 -6.39 22.45 -20.97
N ASP A 138 -6.09 22.67 -19.69
CA ASP A 138 -6.77 23.71 -18.92
C ASP A 138 -6.10 25.09 -19.02
N GLY A 139 -5.03 25.17 -19.80
CA GLY A 139 -4.37 26.44 -20.06
C GLY A 139 -3.30 26.80 -19.05
N THR A 140 -2.83 25.80 -18.31
CA THR A 140 -1.80 26.00 -17.30
C THR A 140 -0.61 26.78 -17.83
N ALA A 141 -0.13 26.40 -19.01
CA ALA A 141 1.08 27.02 -19.55
C ALA A 141 0.94 28.53 -19.73
N GLY A 142 -0.22 28.96 -20.21
CA GLY A 142 -0.51 30.38 -20.35
C GLY A 142 -0.51 31.12 -19.03
N VAL A 143 -1.13 30.51 -18.02
CA VAL A 143 -1.18 31.11 -16.70
C VAL A 143 0.23 31.33 -16.16
N ALA A 144 1.05 30.29 -16.24
CA ALA A 144 2.41 30.39 -15.75
C ALA A 144 3.14 31.51 -16.48
N ALA A 145 3.03 31.53 -17.81
CA ALA A 145 3.72 32.56 -18.59
C ALA A 145 3.26 33.95 -18.16
N SER A 146 1.95 34.14 -18.08
CA SER A 146 1.38 35.44 -17.73
C SER A 146 1.77 35.92 -16.34
N HIS A 147 2.29 35.01 -15.51
CA HIS A 147 2.68 35.37 -14.15
C HIS A 147 4.19 35.56 -14.02
N GLY A 148 4.93 35.36 -15.11
CA GLY A 148 6.36 35.63 -15.10
C GLY A 148 7.29 34.43 -15.08
N ALA A 149 6.76 33.23 -15.11
CA ALA A 149 7.60 32.04 -15.10
C ALA A 149 8.14 31.67 -16.48
N GLU A 150 9.25 30.95 -16.52
CA GLU A 150 9.71 30.34 -17.76
C GLU A 150 8.91 29.06 -17.99
N VAL A 151 8.23 28.96 -19.11
CA VAL A 151 7.41 27.80 -19.35
C VAL A 151 7.97 26.97 -20.48
N TYR A 152 8.05 25.66 -20.28
CA TYR A 152 8.42 24.73 -21.33
C TYR A 152 7.43 23.59 -21.34
N SER A 153 7.26 22.95 -22.50
CA SER A 153 6.42 21.78 -22.59
C SER A 153 7.29 20.56 -22.32
N GLU A 154 6.78 19.61 -21.53
CA GLU A 154 7.53 18.41 -21.24
C GLU A 154 7.87 17.67 -22.54
N ASN A 155 7.12 17.94 -23.58
CA ASN A 155 7.28 17.27 -24.86
C ASN A 155 8.31 17.90 -25.80
N GLU A 156 8.70 19.14 -25.55
CA GLU A 156 9.73 19.81 -26.35
C GLU A 156 11.12 19.61 -25.76
N LEU A 157 11.19 19.32 -24.47
CA LEU A 157 12.45 18.99 -23.81
C LEU A 157 12.86 17.56 -24.17
N MET A 158 14.14 17.36 -24.46
CA MET A 158 14.64 16.05 -24.86
C MET A 158 13.68 15.37 -25.83
N SER A 159 13.18 16.14 -26.80
CA SER A 159 12.11 15.70 -27.68
C SER A 159 12.47 14.49 -28.52
N GLY A 160 13.76 14.18 -28.57
CA GLY A 160 14.23 12.95 -29.21
C GLY A 160 13.81 11.69 -28.48
N TYR A 161 13.17 11.85 -27.33
CA TYR A 161 12.68 10.71 -26.56
C TYR A 161 11.19 10.51 -26.72
N GLY A 162 10.56 11.36 -27.52
CA GLY A 162 9.15 11.22 -27.80
C GLY A 162 8.39 11.98 -26.74
N ASP A 163 7.08 11.82 -26.70
CA ASP A 163 6.31 12.52 -25.67
C ASP A 163 6.69 11.98 -24.30
N ALA A 164 6.48 12.79 -23.28
CA ALA A 164 6.92 12.48 -21.93
C ALA A 164 6.06 11.40 -21.29
N HIS A 165 6.70 10.42 -20.66
CA HIS A 165 5.99 9.41 -19.90
C HIS A 165 5.82 9.90 -18.47
N GLY A 166 4.82 10.74 -18.24
CA GLY A 166 4.45 11.13 -16.90
C GLY A 166 5.40 12.03 -16.12
N LYS A 167 5.11 12.19 -14.85
CA LYS A 167 5.80 13.15 -13.99
C LYS A 167 7.31 12.96 -13.92
N GLY A 168 7.75 11.71 -13.79
CA GLY A 168 9.17 11.43 -13.72
C GLY A 168 9.89 11.98 -14.93
N ASP A 169 9.30 11.78 -16.10
CA ASP A 169 9.91 12.21 -17.35
C ASP A 169 10.04 13.72 -17.36
N ALA A 170 8.99 14.42 -16.96
CA ALA A 170 9.04 15.88 -16.97
C ALA A 170 10.17 16.37 -16.07
N MET A 171 10.34 15.72 -14.93
CA MET A 171 11.35 16.14 -13.98
C MET A 171 12.74 15.94 -14.54
N TRP A 172 12.96 14.78 -15.15
CA TRP A 172 14.25 14.50 -15.77
C TRP A 172 14.52 15.53 -16.86
N ARG A 173 13.55 15.72 -17.74
CA ARG A 173 13.67 16.67 -18.85
C ARG A 173 13.90 18.10 -18.37
N ALA A 174 13.38 18.43 -17.19
CA ALA A 174 13.58 19.76 -16.64
C ALA A 174 15.05 20.10 -16.49
N LEU A 175 15.88 19.11 -16.18
CA LEU A 175 17.30 19.35 -15.97
C LEU A 175 17.97 20.03 -17.18
N SER A 176 17.52 19.66 -18.37
CA SER A 176 18.09 20.17 -19.61
C SER A 176 18.01 21.69 -19.74
N VAL A 177 17.13 22.32 -18.98
CA VAL A 177 17.01 23.77 -19.05
C VAL A 177 17.13 24.46 -17.70
N THR A 178 17.34 23.71 -16.63
CA THR A 178 17.57 24.37 -15.35
C THR A 178 18.99 24.92 -15.36
N ARG A 179 19.14 26.17 -14.90
CA ARG A 179 20.43 26.85 -14.99
C ARG A 179 21.17 26.94 -13.66
N GLY A 180 20.49 26.56 -12.57
CA GLY A 180 21.02 26.78 -11.24
C GLY A 180 21.99 25.74 -10.70
N ASP A 181 22.83 26.17 -9.76
CA ASP A 181 23.73 25.26 -9.05
C ASP A 181 22.91 24.27 -8.21
N LEU A 182 21.81 24.76 -7.66
CA LEU A 182 20.86 23.93 -6.94
C LEU A 182 19.57 23.81 -7.73
N VAL A 183 18.88 22.68 -7.57
CA VAL A 183 17.62 22.45 -8.25
C VAL A 183 16.55 22.10 -7.23
N LEU A 184 15.61 23.00 -7.05
CA LEU A 184 14.56 22.81 -6.06
C LEU A 184 13.29 22.38 -6.78
N TYR A 185 12.86 21.15 -6.57
CA TYR A 185 11.58 20.71 -7.11
C TYR A 185 10.44 21.15 -6.19
N ILE A 186 9.36 21.66 -6.80
CA ILE A 186 8.21 22.14 -6.04
C ILE A 186 6.95 21.66 -6.74
N ASP A 187 5.93 21.28 -5.97
CA ASP A 187 4.69 20.83 -6.57
C ASP A 187 3.86 22.07 -6.91
N ALA A 188 3.04 21.94 -7.95
CA ALA A 188 2.33 23.09 -8.52
C ALA A 188 0.83 23.04 -8.26
N ASP A 189 0.39 22.00 -7.56
CA ASP A 189 -1.04 21.80 -7.30
C ASP A 189 -1.48 22.33 -5.93
N THR A 190 -0.54 22.95 -5.20
CA THR A 190 -0.72 23.34 -3.82
C THR A 190 -1.71 24.48 -3.70
N ARG A 191 -2.88 24.19 -3.15
CA ARG A 191 -4.00 25.13 -3.15
C ARG A 191 -3.72 26.36 -2.29
N ASP A 192 -2.93 26.19 -1.22
CA ASP A 192 -2.49 27.35 -0.44
C ASP A 192 -1.00 27.30 -0.17
N PHE A 193 -0.26 28.19 -0.82
CA PHE A 193 1.19 28.12 -0.85
C PHE A 193 1.83 29.16 0.06
N ARG A 194 2.68 28.71 0.97
CA ARG A 194 3.38 29.61 1.88
C ARG A 194 4.87 29.63 1.58
N PRO A 195 5.54 30.75 1.91
CA PRO A 195 6.92 30.99 1.51
C PRO A 195 7.88 29.84 1.84
N GLN A 196 7.68 29.20 2.99
CA GLN A 196 8.62 28.17 3.42
C GLN A 196 8.56 26.87 2.60
N LEU A 197 7.46 26.66 1.88
CA LEU A 197 7.41 25.53 0.94
C LEU A 197 8.48 25.72 -0.13
N ALA A 198 9.01 26.94 -0.23
CA ALA A 198 10.07 27.22 -1.18
C ALA A 198 11.46 27.25 -0.52
N TYR A 199 11.60 27.91 0.62
CA TYR A 199 12.92 28.14 1.21
C TYR A 199 13.34 27.13 2.28
N GLY A 200 12.36 26.51 2.92
CA GLY A 200 12.63 25.54 3.97
C GLY A 200 13.74 24.57 3.65
N VAL A 201 13.54 23.76 2.61
CA VAL A 201 14.51 22.72 2.26
C VAL A 201 15.89 23.27 1.92
N LEU A 202 15.96 24.53 1.50
CA LEU A 202 17.25 25.16 1.18
C LEU A 202 18.16 25.31 2.40
N GLY A 203 17.56 25.36 3.58
CA GLY A 203 18.29 25.59 4.81
C GLY A 203 19.55 24.74 4.91
N PRO A 204 19.38 23.43 5.06
CA PRO A 204 20.50 22.51 5.26
C PRO A 204 21.54 22.51 4.12
N VAL A 205 21.14 22.51 2.86
CA VAL A 205 22.13 22.56 1.78
C VAL A 205 22.97 23.82 1.82
N LEU A 206 22.42 24.88 2.40
CA LEU A 206 23.15 26.14 2.50
C LEU A 206 23.96 26.29 3.80
N GLU A 207 23.52 25.66 4.89
CA GLU A 207 24.12 25.95 6.20
C GLU A 207 24.75 24.77 6.93
N VAL A 208 24.37 23.56 6.55
CA VAL A 208 24.90 22.38 7.20
C VAL A 208 25.87 21.65 6.29
N PRO A 209 27.14 21.57 6.68
CA PRO A 209 28.19 20.97 5.86
C PRO A 209 27.91 19.52 5.52
N GLY A 210 28.21 19.13 4.28
CA GLY A 210 28.07 17.74 3.86
C GLY A 210 26.69 17.36 3.36
N VAL A 211 25.70 18.19 3.64
CA VAL A 211 24.32 17.88 3.27
C VAL A 211 24.08 18.22 1.80
N ARG A 212 23.75 17.22 0.99
CA ARG A 212 23.62 17.43 -0.44
C ARG A 212 22.17 17.34 -0.93
N PHE A 213 21.29 16.80 -0.11
CA PHE A 213 19.92 16.50 -0.51
C PHE A 213 18.98 16.70 0.68
N VAL A 214 18.00 17.59 0.53
CA VAL A 214 17.05 17.87 1.59
C VAL A 214 15.62 17.64 1.15
N LYS A 215 14.87 16.87 1.92
CA LYS A 215 13.46 16.61 1.60
C LYS A 215 12.54 17.36 2.55
N ALA A 216 11.38 17.75 2.04
CA ALA A 216 10.39 18.44 2.86
C ALA A 216 9.69 17.46 3.77
N ALA A 217 9.28 17.95 4.94
CA ALA A 217 8.39 17.20 5.82
C ALA A 217 7.26 18.13 6.22
N TYR A 218 6.07 17.58 6.47
CA TYR A 218 4.92 18.41 6.81
C TYR A 218 3.71 17.62 7.32
N ARG A 219 2.67 18.34 7.74
CA ARG A 219 1.46 17.73 8.29
C ARG A 219 0.20 18.25 7.60
N ARG A 220 -0.87 17.46 7.65
CA ARG A 220 -2.15 17.88 7.09
C ARG A 220 -2.98 18.62 8.14
N PRO A 221 -3.55 19.77 7.75
CA PRO A 221 -4.41 20.54 8.66
C PRO A 221 -5.47 19.66 9.33
N GLU A 229 -3.78 13.06 15.77
CA GLU A 229 -3.06 13.91 14.81
C GLU A 229 -1.56 13.66 14.80
N GLU A 230 -1.16 12.61 14.09
CA GLU A 230 0.26 12.33 13.85
C GLU A 230 0.46 11.95 12.38
N ASP A 231 0.33 12.94 11.50
CA ASP A 231 0.37 12.69 10.06
C ASP A 231 1.64 11.97 9.62
N GLY A 232 1.49 10.72 9.19
CA GLY A 232 2.61 9.96 8.69
C GLY A 232 2.59 9.88 7.17
N GLY A 233 1.98 10.90 6.54
CA GLY A 233 1.93 11.02 5.09
C GLY A 233 0.61 10.63 4.47
N GLY A 234 0.52 10.75 3.15
CA GLY A 234 -0.67 10.37 2.42
C GLY A 234 -0.82 8.86 2.43
N ARG A 235 -1.89 8.39 1.79
CA ARG A 235 -2.20 6.96 1.78
C ARG A 235 -1.09 6.12 1.18
N VAL A 236 -0.48 6.60 0.10
CA VAL A 236 0.58 5.83 -0.58
C VAL A 236 1.85 5.79 0.26
N THR A 237 2.13 6.90 0.93
CA THR A 237 3.29 7.00 1.81
C THR A 237 3.17 6.06 3.01
N GLU A 238 1.98 6.04 3.62
CA GLU A 238 1.73 5.23 4.81
C GLU A 238 1.63 3.75 4.52
N LEU A 239 0.99 3.40 3.40
CA LEU A 239 0.65 2.00 3.15
C LEU A 239 1.48 1.33 2.05
N THR A 240 2.30 2.10 1.34
CA THR A 240 3.17 1.51 0.34
C THR A 240 4.65 1.85 0.58
N ALA A 241 4.97 3.14 0.59
CA ALA A 241 6.36 3.56 0.71
C ALA A 241 7.00 3.15 2.05
N LYS A 242 6.44 3.63 3.15
CA LYS A 242 7.03 3.33 4.46
C LYS A 242 7.13 1.83 4.81
N PRO A 243 6.08 1.05 4.51
CA PRO A 243 6.25 -0.38 4.79
C PRO A 243 7.35 -0.98 3.94
N LEU A 244 7.43 -0.63 2.66
CA LEU A 244 8.49 -1.15 1.80
C LEU A 244 9.86 -0.69 2.27
N PHE A 245 9.97 0.58 2.61
CA PHE A 245 11.25 1.11 3.06
C PHE A 245 11.73 0.42 4.33
N ASN A 246 10.86 0.30 5.31
CA ASN A 246 11.22 -0.33 6.57
C ASN A 246 11.81 -1.73 6.37
N LEU A 247 11.36 -2.40 5.33
CA LEU A 247 11.81 -3.76 5.06
C LEU A 247 13.06 -3.79 4.19
N PHE A 248 13.06 -3.03 3.09
CA PHE A 248 14.12 -3.11 2.10
C PHE A 248 15.13 -1.97 2.14
N TYR A 249 14.73 -0.84 2.71
CA TYR A 249 15.63 0.31 2.82
C TYR A 249 15.44 1.00 4.16
N PRO A 250 15.82 0.31 5.24
CA PRO A 250 15.66 0.80 6.61
C PRO A 250 16.12 2.25 6.76
N GLU A 251 17.20 2.61 6.06
CA GLU A 251 17.80 3.92 6.26
C GLU A 251 16.87 5.10 5.93
N LEU A 252 15.85 4.83 5.12
CA LEU A 252 14.93 5.88 4.67
C LEU A 252 13.71 6.00 5.55
N ALA A 253 13.60 5.12 6.54
CA ALA A 253 12.44 5.09 7.40
C ALA A 253 12.33 6.33 8.30
N GLY A 254 13.40 7.12 8.38
CA GLY A 254 13.35 8.35 9.15
C GLY A 254 12.56 9.46 8.48
N PHE A 255 12.44 9.40 7.15
CA PHE A 255 11.77 10.47 6.42
C PHE A 255 10.27 10.46 6.68
N VAL A 256 9.72 11.62 7.03
CA VAL A 256 8.27 11.76 7.25
C VAL A 256 7.51 11.77 5.91
N GLN A 257 8.03 12.50 4.93
CA GLN A 257 7.41 12.55 3.61
C GLN A 257 8.40 12.10 2.53
N PRO A 258 8.71 10.79 2.51
CA PRO A 258 9.69 10.19 1.58
C PRO A 258 9.36 10.61 0.16
N LEU A 259 8.06 10.70 -0.13
CA LEU A 259 7.60 10.95 -1.48
C LEU A 259 7.18 12.40 -1.70
N ALA A 260 7.62 13.29 -0.83
CA ALA A 260 7.30 14.71 -0.96
C ALA A 260 7.75 15.24 -2.31
N GLY A 261 6.98 16.18 -2.87
CA GLY A 261 7.35 16.79 -4.12
C GLY A 261 8.37 17.90 -3.94
N GLU A 262 8.39 18.52 -2.76
CA GLU A 262 9.36 19.55 -2.44
C GLU A 262 10.67 18.93 -1.95
N PHE A 263 11.75 19.12 -2.70
CA PHE A 263 13.08 18.72 -2.26
C PHE A 263 14.15 19.38 -3.14
N VAL A 264 15.39 19.35 -2.68
CA VAL A 264 16.48 20.09 -3.33
C VAL A 264 17.82 19.34 -3.25
N ALA A 265 18.56 19.38 -4.36
CA ALA A 265 19.93 18.89 -4.38
C ALA A 265 20.71 19.68 -5.42
N ASP A 266 22.03 19.56 -5.41
CA ASP A 266 22.84 20.22 -6.42
C ASP A 266 22.53 19.64 -7.79
N ARG A 267 22.65 20.49 -8.81
CA ARG A 267 22.27 20.09 -10.16
C ARG A 267 23.10 18.91 -10.66
N GLU A 268 24.35 18.80 -10.20
CA GLU A 268 25.22 17.75 -10.71
C GLU A 268 24.86 16.39 -10.15
N LEU A 269 24.22 16.38 -8.98
CA LEU A 269 23.71 15.15 -8.41
C LEU A 269 22.50 14.64 -9.19
N PHE A 270 21.55 15.52 -9.45
CA PHE A 270 20.37 15.09 -10.18
C PHE A 270 20.74 14.60 -11.58
N CYS A 271 21.70 15.28 -12.22
CA CYS A 271 22.10 14.95 -13.59
C CYS A 271 22.90 13.67 -13.67
N SER A 272 23.23 13.06 -12.54
CA SER A 272 24.11 11.89 -12.54
C SER A 272 23.43 10.60 -12.07
N ILE A 273 22.11 10.66 -11.86
CA ILE A 273 21.35 9.46 -11.47
C ILE A 273 20.26 9.22 -12.50
N PRO A 274 19.81 7.96 -12.64
CA PRO A 274 18.68 7.67 -13.51
C PRO A 274 17.42 8.31 -12.94
N PHE A 275 16.40 8.47 -13.76
CA PHE A 275 15.09 8.88 -13.27
C PHE A 275 14.07 7.88 -13.76
N LEU A 276 13.42 7.19 -12.84
CA LEU A 276 12.22 6.45 -13.21
C LEU A 276 11.18 7.48 -13.69
N THR A 277 10.49 7.20 -14.79
CA THR A 277 9.42 8.09 -15.23
C THR A 277 8.13 7.85 -14.44
N GLY A 278 7.06 8.53 -14.81
CA GLY A 278 5.76 8.32 -14.20
C GLY A 278 5.71 8.62 -12.70
N TYR A 279 4.99 7.80 -11.95
CA TYR A 279 4.87 8.02 -10.51
C TYR A 279 5.91 7.26 -9.69
N ALA A 280 6.78 6.52 -10.37
CA ALA A 280 7.84 5.80 -9.69
C ALA A 280 9.01 6.72 -9.34
N VAL A 281 8.92 7.99 -9.76
CA VAL A 281 10.10 8.86 -9.72
C VAL A 281 10.60 9.24 -8.33
N GLU A 282 9.70 9.54 -7.42
CA GLU A 282 10.11 9.99 -6.09
C GLU A 282 10.80 8.87 -5.36
N THR A 283 10.33 7.65 -5.55
CA THR A 283 10.93 6.50 -4.89
C THR A 283 12.31 6.23 -5.45
N GLY A 284 12.40 6.18 -6.78
CA GLY A 284 13.67 5.99 -7.44
C GLY A 284 14.71 6.97 -6.95
N ILE A 285 14.36 8.26 -6.91
CA ILE A 285 15.28 9.28 -6.45
C ILE A 285 15.79 9.05 -5.02
N MET A 286 14.87 8.72 -4.11
CA MET A 286 15.23 8.47 -2.72
C MET A 286 16.20 7.31 -2.57
N ILE A 287 15.94 6.22 -3.29
CA ILE A 287 16.85 5.07 -3.28
C ILE A 287 18.18 5.42 -3.93
N ASP A 288 18.14 6.03 -5.11
CA ASP A 288 19.36 6.32 -5.87
C ASP A 288 20.26 7.35 -5.17
N VAL A 289 19.65 8.38 -4.59
CA VAL A 289 20.42 9.40 -3.89
C VAL A 289 21.06 8.83 -2.63
N LEU A 290 20.28 8.06 -1.88
CA LEU A 290 20.81 7.28 -0.77
C LEU A 290 22.08 6.54 -1.17
N LYS A 291 21.95 5.63 -2.13
CA LYS A 291 23.10 4.86 -2.62
C LYS A 291 24.31 5.74 -2.97
N LYS A 292 24.06 6.92 -3.52
CA LYS A 292 25.12 7.75 -4.09
C LYS A 292 25.86 8.62 -3.08
N VAL A 293 25.11 9.34 -2.25
CA VAL A 293 25.73 10.30 -1.33
C VAL A 293 25.73 9.86 0.11
N GLY A 294 24.91 8.86 0.44
CA GLY A 294 24.84 8.34 1.79
C GLY A 294 23.81 9.03 2.67
N LEU A 295 23.35 8.31 3.70
CA LEU A 295 22.30 8.79 4.58
C LEU A 295 22.70 10.12 5.22
N GLY A 296 23.94 10.17 5.72
CA GLY A 296 24.44 11.36 6.38
C GLY A 296 24.32 12.65 5.59
N ALA A 297 24.27 12.54 4.26
CA ALA A 297 24.23 13.74 3.40
C ALA A 297 22.81 14.08 3.00
N MET A 298 21.84 13.41 3.63
CA MET A 298 20.43 13.71 3.37
C MET A 298 19.84 14.27 4.65
N ALA A 299 18.85 15.16 4.50
CA ALA A 299 18.18 15.76 5.65
C ALA A 299 16.71 16.02 5.34
N GLN A 300 15.99 16.52 6.33
CA GLN A 300 14.60 16.92 6.13
C GLN A 300 14.24 18.16 6.94
N VAL A 301 13.31 18.94 6.43
CA VAL A 301 12.87 20.16 7.11
C VAL A 301 11.36 20.15 7.31
N ASP A 302 10.93 20.28 8.56
CA ASP A 302 9.51 20.43 8.86
C ASP A 302 9.06 21.81 8.38
N LEU A 303 8.10 21.82 7.45
CA LEU A 303 7.60 23.06 6.87
C LEU A 303 6.22 23.43 7.40
N GLY A 304 5.81 22.80 8.50
CA GLY A 304 4.51 23.07 9.10
C GLY A 304 3.36 22.38 8.38
N GLU A 305 2.35 23.15 8.01
CA GLU A 305 1.13 22.58 7.44
C GLU A 305 1.06 22.71 5.93
N ARG A 306 0.49 21.70 5.30
CA ARG A 306 0.29 21.70 3.86
C ARG A 306 -0.94 20.87 3.54
N GLN A 307 -1.96 21.51 2.98
CA GLN A 307 -3.14 20.79 2.53
C GLN A 307 -2.73 19.88 1.38
N ASN A 308 -3.15 18.61 1.45
CA ASN A 308 -2.88 17.67 0.37
C ASN A 308 -4.09 17.56 -0.55
N ARG A 309 -3.85 17.39 -1.84
CA ARG A 309 -4.94 17.14 -2.78
C ARG A 309 -5.48 15.72 -2.57
N HIS A 310 -6.80 15.62 -2.39
CA HIS A 310 -7.45 14.33 -2.29
C HIS A 310 -7.61 13.73 -3.68
N GLN A 311 -7.24 12.45 -3.82
CA GLN A 311 -7.40 11.75 -5.09
C GLN A 311 -8.15 10.44 -4.85
N HIS A 312 -8.64 9.83 -5.92
CA HIS A 312 -9.44 8.61 -5.79
C HIS A 312 -8.56 7.40 -5.50
N LEU A 313 -9.02 6.56 -4.58
CA LEU A 313 -8.26 5.39 -4.18
C LEU A 313 -7.96 4.49 -5.39
N ARG A 314 -8.77 4.61 -6.44
CA ARG A 314 -8.55 3.87 -7.68
C ARG A 314 -7.24 4.29 -8.34
N ASP A 315 -7.00 5.60 -8.41
CA ASP A 315 -5.81 6.14 -9.06
C ASP A 315 -4.56 5.96 -8.19
N LEU A 316 -4.76 5.90 -6.89
CA LEU A 316 -3.67 5.71 -5.97
C LEU A 316 -3.14 4.28 -6.09
N SER A 317 -4.00 3.38 -6.54
CA SER A 317 -3.63 1.99 -6.69
C SER A 317 -2.53 1.88 -7.74
N ARG A 318 -2.73 2.55 -8.87
CA ARG A 318 -1.73 2.60 -9.91
C ARG A 318 -0.43 3.19 -9.37
N MET A 319 -0.55 4.22 -8.55
CA MET A 319 0.63 4.87 -7.98
C MET A 319 1.43 3.94 -7.07
N SER A 320 0.74 3.21 -6.20
CA SER A 320 1.40 2.30 -5.27
C SER A 320 2.15 1.24 -6.07
N TYR A 321 1.56 0.82 -7.18
CA TYR A 321 2.23 -0.11 -8.07
C TYR A 321 3.54 0.49 -8.62
N ALA A 322 3.51 1.77 -8.98
CA ALA A 322 4.72 2.44 -9.43
C ALA A 322 5.79 2.37 -8.34
N VAL A 323 5.37 2.61 -7.09
CA VAL A 323 6.29 2.54 -5.96
C VAL A 323 6.87 1.13 -5.82
N VAL A 324 5.99 0.14 -5.83
CA VAL A 324 6.41 -1.25 -5.74
C VAL A 324 7.38 -1.60 -6.89
N ARG A 325 7.05 -1.14 -8.09
CA ARG A 325 7.90 -1.46 -9.24
C ARG A 325 9.29 -0.82 -9.12
N ALA A 326 9.36 0.42 -8.63
CA ALA A 326 10.64 1.07 -8.41
C ALA A 326 11.50 0.25 -7.46
N VAL A 327 10.97 0.00 -6.26
CA VAL A 327 11.65 -0.84 -5.28
C VAL A 327 12.03 -2.21 -5.87
N ALA A 328 11.10 -2.87 -6.54
CA ALA A 328 11.40 -4.18 -7.11
C ALA A 328 12.55 -4.10 -8.12
N ARG A 329 12.51 -3.07 -8.96
CA ARG A 329 13.54 -2.87 -9.98
C ARG A 329 14.91 -2.72 -9.36
N ARG A 330 14.99 -1.87 -8.33
CA ARG A 330 16.25 -1.60 -7.69
C ARG A 330 16.75 -2.82 -6.91
N LEU A 331 15.83 -3.56 -6.30
CA LEU A 331 16.22 -4.77 -5.58
C LEU A 331 16.86 -5.73 -6.56
N ARG A 332 16.31 -5.75 -7.78
CA ARG A 332 16.81 -6.63 -8.81
C ARG A 332 18.24 -6.24 -9.22
N GLN A 333 18.52 -4.94 -9.31
CA GLN A 333 19.85 -4.51 -9.70
C GLN A 333 20.86 -4.83 -8.60
N GLU A 334 20.40 -4.79 -7.34
CA GLU A 334 21.25 -5.07 -6.19
C GLU A 334 21.53 -6.57 -6.03
N GLY A 335 20.78 -7.39 -6.76
CA GLY A 335 20.93 -8.83 -6.68
C GLY A 335 20.11 -9.43 -5.55
N ARG A 336 19.44 -8.59 -4.78
CA ARG A 336 18.64 -9.07 -3.65
C ARG A 336 17.34 -9.69 -4.13
N LEU A 337 17.02 -9.47 -5.40
CA LEU A 337 15.88 -10.13 -6.02
C LEU A 337 16.44 -10.95 -7.19
N GLN A 338 16.41 -12.26 -7.04
CA GLN A 338 17.01 -13.18 -8.02
C GLN A 338 16.12 -13.36 -9.24
N GLN A 339 15.02 -14.08 -9.08
CA GLN A 339 14.03 -14.16 -10.15
C GLN A 339 12.90 -13.20 -9.81
N LEU A 340 12.33 -12.58 -10.83
CA LEU A 340 11.13 -11.79 -10.63
C LEU A 340 9.93 -12.68 -10.97
N ARG A 341 9.94 -13.23 -12.17
CA ARG A 341 8.97 -14.26 -12.54
C ARG A 341 9.25 -15.50 -11.72
N GLU A 342 8.24 -15.98 -10.99
CA GLU A 342 8.37 -17.21 -10.24
C GLU A 342 8.46 -18.37 -11.21
N PRO A 343 9.39 -19.32 -10.94
CA PRO A 343 9.47 -20.52 -11.77
C PRO A 343 8.18 -21.34 -11.71
N GLY A 344 7.70 -21.80 -12.87
CA GLY A 344 6.46 -22.52 -12.97
C GLY A 344 5.38 -21.68 -13.62
N LEU A 345 5.37 -20.40 -13.25
CA LEU A 345 4.42 -19.42 -13.75
C LEU A 345 4.40 -19.40 -15.28
N PRO A 346 3.23 -19.69 -15.87
CA PRO A 346 3.03 -19.53 -17.32
C PRO A 346 3.37 -18.10 -17.75
N GLU A 347 3.90 -17.94 -18.96
CA GLU A 347 4.26 -16.61 -19.47
C GLU A 347 3.05 -15.67 -19.52
N SER A 348 1.88 -16.21 -19.82
CA SER A 348 0.69 -15.38 -19.99
C SER A 348 0.32 -14.60 -18.73
N PHE A 349 0.77 -15.09 -17.58
CA PHE A 349 0.52 -14.41 -16.31
C PHE A 349 1.54 -13.31 -16.05
N PHE A 350 2.63 -13.31 -16.83
CA PHE A 350 3.71 -12.36 -16.61
C PHE A 350 3.75 -11.17 -17.59
N GLN A 351 3.43 -10.00 -17.07
CA GLN A 351 3.37 -8.76 -17.84
C GLN A 351 3.36 -7.62 -16.83
N LEU A 352 4.54 -7.11 -16.51
CA LEU A 352 4.70 -6.09 -15.48
C LEU A 352 4.02 -4.77 -15.82
N SER A 353 3.99 -4.43 -17.10
CA SER A 353 3.34 -3.19 -17.52
C SER A 353 1.83 -3.30 -17.35
N ASP A 354 1.34 -4.54 -17.27
CA ASP A 354 -0.09 -4.77 -17.20
C ASP A 354 -0.56 -4.92 -15.76
N TYR A 355 -1.24 -3.87 -15.28
CA TYR A 355 -1.72 -3.81 -13.89
C TYR A 355 -3.20 -4.17 -13.84
N LEU A 356 -3.53 -5.29 -13.17
CA LEU A 356 -4.93 -5.73 -13.06
C LEU A 356 -5.59 -5.21 -11.80
N HIS A 357 -6.70 -4.51 -11.95
CA HIS A 357 -7.36 -3.91 -10.80
C HIS A 357 -8.80 -4.42 -10.65
N ALA A 358 -8.95 -5.57 -10.00
CA ALA A 358 -10.24 -6.19 -9.78
C ALA A 358 -11.14 -5.34 -8.87
N VAL A 359 -12.36 -5.04 -9.32
CA VAL A 359 -13.27 -4.19 -8.55
C VAL A 359 -14.72 -4.69 -8.54
N ALA A 360 -15.46 -4.26 -7.52
CA ALA A 360 -16.90 -4.54 -7.44
C ALA A 360 -17.68 -3.28 -7.82
N THR A 361 -18.69 -3.43 -8.66
CA THR A 361 -19.48 -2.29 -9.09
C THR A 361 -20.97 -2.57 -8.90
N PRO A 362 -21.82 -1.55 -9.07
CA PRO A 362 -23.25 -1.82 -8.92
C PRO A 362 -23.75 -2.88 -9.90
N GLU A 363 -23.08 -3.07 -11.02
CA GLU A 363 -23.55 -4.01 -12.04
C GLU A 363 -22.71 -5.26 -12.15
N GLY A 364 -22.00 -5.59 -11.07
CA GLY A 364 -21.24 -6.83 -11.01
C GLY A 364 -19.76 -6.63 -10.76
N LEU A 365 -19.00 -7.73 -10.83
CA LEU A 365 -17.55 -7.66 -10.71
C LEU A 365 -16.92 -7.32 -12.06
N LYS A 366 -15.79 -6.62 -12.03
CA LYS A 366 -15.07 -6.28 -13.26
C LYS A 366 -13.56 -6.28 -13.07
N LEU A 367 -12.83 -6.65 -14.13
CA LEU A 367 -11.37 -6.68 -14.10
C LEU A 367 -10.83 -5.55 -14.95
N GLN A 368 -10.65 -4.40 -14.32
CA GLN A 368 -10.01 -3.27 -14.97
C GLN A 368 -8.56 -3.57 -15.22
N GLU A 369 -8.01 -2.97 -16.26
CA GLU A 369 -6.67 -3.33 -16.68
C GLU A 369 -5.95 -2.11 -17.26
N TYR A 370 -4.99 -1.60 -16.50
CA TYR A 370 -4.19 -0.46 -16.93
C TYR A 370 -2.83 -0.93 -17.43
N VAL A 371 -2.37 -0.35 -18.52
CA VAL A 371 -1.05 -0.68 -19.04
C VAL A 371 -0.18 0.56 -18.98
N GLU A 372 1.03 0.41 -18.45
CA GLU A 372 1.95 1.52 -18.34
C GLU A 372 3.38 1.02 -18.23
N GLU A 373 4.12 1.14 -19.32
CA GLU A 373 5.51 0.72 -19.36
C GLU A 373 6.33 1.53 -18.36
N LEU A 374 7.08 0.85 -17.49
CA LEU A 374 8.01 1.52 -16.58
C LEU A 374 9.24 2.00 -17.33
N VAL A 375 9.18 3.20 -17.89
CA VAL A 375 10.29 3.75 -18.63
C VAL A 375 11.29 4.41 -17.68
N GLU A 376 12.57 4.15 -17.91
CA GLU A 376 13.61 4.74 -17.08
C GLU A 376 14.54 5.58 -17.94
N ARG A 377 14.95 6.73 -17.42
CA ARG A 377 15.84 7.60 -18.18
C ARG A 377 17.24 7.51 -17.62
N PRO A 378 18.25 7.42 -18.51
CA PRO A 378 19.66 7.40 -18.09
C PRO A 378 20.05 8.72 -17.43
N PRO A 379 21.14 8.73 -16.67
CA PRO A 379 21.59 10.00 -16.09
C PRO A 379 21.69 11.03 -17.20
N ILE A 380 21.10 12.20 -17.02
CA ILE A 380 21.01 13.10 -18.15
C ILE A 380 22.39 13.52 -18.66
N ASN A 381 23.41 13.40 -17.83
CA ASN A 381 24.77 13.72 -18.27
C ASN A 381 25.25 12.93 -19.47
N GLU A 382 24.70 11.73 -19.66
CA GLU A 382 25.20 10.83 -20.68
C GLU A 382 24.53 11.04 -22.03
N VAL A 383 23.58 11.95 -22.04
CA VAL A 383 22.63 12.00 -23.14
C VAL A 383 22.33 13.46 -23.54
N LEU A 384 22.68 14.37 -22.65
CA LEU A 384 22.41 15.79 -22.83
C LEU A 384 23.64 16.48 -23.37
N ARG A 385 23.44 17.46 -24.24
CA ARG A 385 24.53 18.10 -24.96
C ARG A 385 24.94 19.42 -24.32
N LEU B 61 -4.40 -28.00 -17.13
CA LEU B 61 -4.40 -27.66 -15.71
C LEU B 61 -4.28 -26.15 -15.49
N GLY B 62 -5.23 -25.60 -14.75
CA GLY B 62 -5.22 -24.18 -14.43
C GLY B 62 -5.70 -23.29 -15.56
N PRO B 63 -6.13 -22.07 -15.21
CA PRO B 63 -6.51 -21.07 -16.22
C PRO B 63 -5.26 -20.51 -16.87
N ALA B 64 -5.40 -19.92 -18.07
CA ALA B 64 -4.25 -19.44 -18.81
C ALA B 64 -3.82 -18.04 -18.36
N SER B 65 -4.72 -17.32 -17.70
CA SER B 65 -4.44 -15.95 -17.29
C SER B 65 -5.37 -15.55 -16.15
N ALA B 66 -5.06 -14.42 -15.52
CA ALA B 66 -5.89 -13.91 -14.45
C ALA B 66 -7.24 -13.52 -15.03
N ALA B 67 -7.27 -13.24 -16.32
CA ALA B 67 -8.49 -12.86 -16.99
C ALA B 67 -9.40 -14.06 -17.15
N GLU B 68 -8.85 -15.15 -17.64
CA GLU B 68 -9.60 -16.38 -17.82
C GLU B 68 -10.18 -16.89 -16.50
N TRP B 69 -9.34 -16.92 -15.46
CA TRP B 69 -9.78 -17.31 -14.12
C TRP B 69 -10.93 -16.42 -13.64
N PHE B 70 -10.80 -15.12 -13.89
CA PHE B 70 -11.77 -14.15 -13.39
C PHE B 70 -13.15 -14.40 -13.99
N ARG B 71 -13.19 -14.80 -15.26
CA ARG B 71 -14.45 -15.12 -15.91
C ARG B 71 -15.02 -16.44 -15.41
N GLN B 72 -14.13 -17.41 -15.20
CA GLN B 72 -14.55 -18.78 -14.88
C GLN B 72 -14.79 -19.05 -13.40
N ARG B 73 -14.26 -18.19 -12.53
CA ARG B 73 -14.30 -18.47 -11.10
C ARG B 73 -14.84 -17.31 -10.26
N SER B 74 -15.52 -16.37 -10.89
CA SER B 74 -16.24 -15.34 -10.14
C SER B 74 -17.75 -15.57 -10.23
N TYR B 75 -18.43 -15.47 -9.10
CA TYR B 75 -19.84 -15.82 -9.04
C TYR B 75 -20.65 -14.71 -8.37
N ASP B 76 -21.97 -14.83 -8.44
CA ASP B 76 -22.84 -13.92 -7.72
C ASP B 76 -23.61 -14.79 -6.73
N TYR B 77 -23.85 -14.29 -5.52
CA TYR B 77 -24.50 -15.13 -4.53
C TYR B 77 -25.93 -15.47 -4.95
N GLY B 78 -26.48 -14.67 -5.85
CA GLY B 78 -27.81 -14.93 -6.39
C GLY B 78 -27.82 -16.25 -7.13
N GLN B 79 -26.65 -16.75 -7.50
CA GLN B 79 -26.53 -18.03 -8.20
C GLN B 79 -26.70 -19.19 -7.22
N PHE B 80 -26.54 -18.90 -5.95
CA PHE B 80 -26.56 -19.94 -4.93
C PHE B 80 -27.66 -19.71 -3.88
N PRO B 81 -28.91 -19.93 -4.27
CA PRO B 81 -29.96 -19.75 -3.26
C PRO B 81 -29.65 -20.64 -2.07
N PRO B 82 -29.87 -20.13 -0.85
CA PRO B 82 -29.58 -20.86 0.39
C PRO B 82 -30.20 -22.25 0.43
N GLU B 83 -31.49 -22.36 0.11
CA GLU B 83 -32.19 -23.64 0.22
C GLU B 83 -31.65 -24.68 -0.77
N ASP B 84 -31.01 -24.21 -1.84
CA ASP B 84 -30.42 -25.12 -2.82
C ASP B 84 -29.07 -25.62 -2.32
N LEU B 85 -28.32 -24.72 -1.68
CA LEU B 85 -27.05 -25.09 -1.09
C LEU B 85 -27.29 -26.09 0.02
N ALA B 86 -28.28 -25.80 0.87
CA ALA B 86 -28.61 -26.67 1.99
C ALA B 86 -28.87 -28.09 1.55
N ARG B 87 -29.54 -28.25 0.40
CA ARG B 87 -29.85 -29.56 -0.12
C ARG B 87 -28.59 -30.29 -0.59
N ARG B 88 -27.73 -29.58 -1.31
CA ARG B 88 -26.54 -30.22 -1.85
C ARG B 88 -25.62 -30.62 -0.69
N LYS B 89 -25.39 -29.70 0.23
CA LYS B 89 -24.65 -29.96 1.45
C LYS B 89 -25.16 -31.23 2.12
N ARG B 90 -26.48 -31.39 2.17
CA ARG B 90 -27.07 -32.55 2.82
C ARG B 90 -26.81 -33.81 2.02
N GLU B 91 -26.94 -33.72 0.70
CA GLU B 91 -26.71 -34.87 -0.16
C GLU B 91 -25.27 -35.35 -0.03
N LEU B 92 -24.34 -34.42 0.17
CA LEU B 92 -22.92 -34.72 0.27
C LEU B 92 -22.45 -35.06 1.69
N GLY B 93 -23.35 -34.90 2.66
CA GLY B 93 -23.01 -35.17 4.05
C GLY B 93 -21.98 -34.25 4.66
N LEU B 94 -21.66 -33.14 4.00
CA LEU B 94 -20.66 -32.21 4.53
C LEU B 94 -21.22 -31.40 5.69
N THR B 95 -20.33 -30.97 6.58
CA THR B 95 -20.68 -30.12 7.71
C THR B 95 -19.84 -28.87 7.65
N VAL B 96 -20.37 -27.78 8.18
CA VAL B 96 -19.66 -26.51 8.13
C VAL B 96 -19.49 -25.91 9.52
N SER B 97 -18.27 -25.46 9.81
CA SER B 97 -18.00 -24.72 11.04
C SER B 97 -17.74 -23.27 10.68
N ALA B 98 -18.50 -22.38 11.30
CA ALA B 98 -18.26 -20.93 11.14
C ALA B 98 -17.41 -20.44 12.31
N VAL B 99 -16.23 -19.88 11.98
CA VAL B 99 -15.32 -19.37 13.01
C VAL B 99 -15.35 -17.84 13.01
N LEU B 100 -15.61 -17.24 14.18
CA LEU B 100 -15.63 -15.79 14.29
C LEU B 100 -14.55 -15.28 15.22
N PRO B 101 -13.34 -15.02 14.69
CA PRO B 101 -12.31 -14.43 15.54
C PRO B 101 -12.88 -13.16 16.13
N SER B 102 -13.00 -13.09 17.45
CA SER B 102 -13.64 -11.95 18.09
C SER B 102 -12.71 -11.23 19.06
N ARG B 103 -12.70 -9.91 18.96
CA ARG B 103 -11.90 -9.07 19.83
C ARG B 103 -12.63 -7.76 20.08
N ASN B 104 -13.25 -7.65 21.25
CA ASN B 104 -14.04 -6.49 21.61
C ASN B 104 -15.13 -6.18 20.60
N VAL B 105 -16.13 -7.06 20.53
CA VAL B 105 -17.20 -6.97 19.54
C VAL B 105 -18.54 -7.31 20.15
N ALA B 106 -18.70 -7.03 21.45
CA ALA B 106 -19.91 -7.39 22.17
C ALA B 106 -21.19 -6.88 21.51
N ASP B 107 -21.11 -5.71 20.86
CA ASP B 107 -22.31 -5.11 20.30
C ASP B 107 -22.73 -5.67 18.94
N THR B 108 -21.83 -6.38 18.28
CA THR B 108 -22.11 -6.89 16.94
C THR B 108 -22.20 -8.43 16.83
N VAL B 109 -21.52 -9.15 17.72
CA VAL B 109 -21.55 -10.62 17.64
C VAL B 109 -22.95 -11.19 17.80
N GLY B 110 -23.67 -10.77 18.84
CA GLY B 110 -25.03 -11.25 19.08
C GLY B 110 -25.85 -11.27 17.80
N GLY B 111 -25.87 -10.13 17.11
CA GLY B 111 -26.64 -10.00 15.88
C GLY B 111 -26.22 -10.99 14.82
N ILE B 112 -24.91 -11.11 14.62
CA ILE B 112 -24.37 -12.05 13.63
C ILE B 112 -24.75 -13.51 13.96
N ILE B 113 -24.51 -13.93 15.19
CA ILE B 113 -24.95 -15.26 15.59
C ILE B 113 -26.44 -15.41 15.32
N ASP B 114 -27.22 -14.43 15.75
CA ASP B 114 -28.66 -14.49 15.56
C ASP B 114 -29.01 -14.71 14.09
N GLU B 115 -28.33 -14.00 13.20
CA GLU B 115 -28.63 -14.09 11.78
C GLU B 115 -28.31 -15.48 11.24
N ILE B 116 -27.19 -16.05 11.69
CA ILE B 116 -26.79 -17.39 11.29
C ILE B 116 -27.82 -18.43 11.75
N HIS B 117 -28.34 -18.26 12.96
CA HIS B 117 -29.41 -19.11 13.45
C HIS B 117 -30.66 -19.01 12.57
N ALA B 118 -31.05 -17.79 12.21
CA ALA B 118 -32.24 -17.59 11.40
C ALA B 118 -32.07 -18.20 10.01
N LEU B 119 -30.89 -18.00 9.44
CA LEU B 119 -30.55 -18.63 8.17
C LEU B 119 -30.74 -20.15 8.26
N ASN B 120 -30.08 -20.77 9.23
CA ASN B 120 -30.20 -22.21 9.46
C ASN B 120 -31.65 -22.70 9.52
N GLU B 121 -32.54 -21.88 10.05
CA GLU B 121 -33.95 -22.27 10.16
C GLU B 121 -34.56 -22.39 8.78
N ARG B 122 -34.16 -21.47 7.90
CA ARG B 122 -34.61 -21.46 6.51
CA ARG B 122 -34.61 -21.47 6.52
C ARG B 122 -33.86 -22.53 5.72
N ALA B 123 -32.55 -22.58 5.90
CA ALA B 123 -31.71 -23.52 5.16
C ALA B 123 -30.54 -23.97 6.05
N PRO B 124 -30.59 -25.22 6.51
CA PRO B 124 -29.52 -25.76 7.36
C PRO B 124 -28.18 -25.70 6.67
N LEU B 125 -27.34 -24.74 7.03
CA LEU B 125 -26.06 -24.55 6.35
C LEU B 125 -24.86 -24.53 7.30
N ILE B 126 -25.07 -24.05 8.51
CA ILE B 126 -23.96 -23.99 9.45
C ILE B 126 -24.20 -24.88 10.65
N ASP B 127 -23.26 -25.78 10.90
CA ASP B 127 -23.43 -26.82 11.92
C ASP B 127 -22.84 -26.42 13.25
N GLN B 128 -21.86 -25.52 13.21
CA GLN B 128 -21.12 -25.13 14.40
C GLN B 128 -20.67 -23.67 14.30
N ILE B 129 -20.91 -22.92 15.37
CA ILE B 129 -20.49 -21.53 15.43
C ILE B 129 -19.43 -21.35 16.53
N LEU B 130 -18.23 -20.94 16.14
CA LEU B 130 -17.12 -20.79 17.07
C LEU B 130 -16.71 -19.34 17.22
N VAL B 131 -16.90 -18.79 18.41
CA VAL B 131 -16.36 -17.46 18.71
C VAL B 131 -15.04 -17.60 19.43
N VAL B 132 -13.94 -17.37 18.71
CA VAL B 132 -12.61 -17.42 19.33
C VAL B 132 -12.23 -16.05 19.83
N ASP B 133 -12.53 -15.81 21.11
CA ASP B 133 -12.40 -14.50 21.73
C ASP B 133 -10.98 -14.16 22.15
N ALA B 134 -10.63 -12.88 22.10
CA ALA B 134 -9.32 -12.41 22.56
C ALA B 134 -9.38 -11.93 24.01
N ASP B 135 -10.12 -12.67 24.83
CA ASP B 135 -10.35 -12.32 26.23
C ASP B 135 -10.72 -10.84 26.37
N SER B 136 -11.73 -10.44 25.60
CA SER B 136 -12.18 -9.06 25.50
C SER B 136 -12.74 -8.53 26.82
N GLU B 137 -12.38 -7.29 27.13
CA GLU B 137 -12.79 -6.64 28.37
C GLU B 137 -14.21 -6.08 28.30
N ASP B 138 -14.84 -6.22 27.12
CA ASP B 138 -16.21 -5.71 26.93
C ASP B 138 -17.29 -6.79 27.06
N GLY B 139 -16.89 -7.97 27.50
CA GLY B 139 -17.83 -9.06 27.71
C GLY B 139 -18.32 -9.74 26.44
N THR B 140 -17.49 -9.75 25.40
CA THR B 140 -17.83 -10.47 24.18
C THR B 140 -18.20 -11.92 24.51
N ALA B 141 -17.31 -12.60 25.20
CA ALA B 141 -17.51 -14.00 25.56
C ALA B 141 -18.94 -14.25 26.06
N GLY B 142 -19.41 -13.40 26.96
CA GLY B 142 -20.74 -13.53 27.52
C GLY B 142 -21.83 -13.37 26.47
N VAL B 143 -21.77 -12.29 25.71
CA VAL B 143 -22.76 -12.02 24.67
C VAL B 143 -22.88 -13.22 23.73
N ALA B 144 -21.73 -13.72 23.28
CA ALA B 144 -21.69 -14.85 22.37
C ALA B 144 -22.32 -16.08 23.01
N ALA B 145 -21.90 -16.40 24.23
CA ALA B 145 -22.41 -17.57 24.94
C ALA B 145 -23.93 -17.54 25.07
N SER B 146 -24.49 -16.38 25.44
CA SER B 146 -25.93 -16.29 25.69
C SER B 146 -26.73 -16.32 24.39
N HIS B 147 -26.09 -15.96 23.28
CA HIS B 147 -26.76 -15.96 21.98
C HIS B 147 -26.70 -17.33 21.31
N GLY B 148 -26.07 -18.29 21.97
CA GLY B 148 -26.08 -19.67 21.51
C GLY B 148 -24.81 -20.17 20.86
N ALA B 149 -23.77 -19.34 20.81
CA ALA B 149 -22.54 -19.74 20.16
C ALA B 149 -21.59 -20.44 21.14
N GLU B 150 -20.73 -21.31 20.60
CA GLU B 150 -19.60 -21.83 21.37
C GLU B 150 -18.55 -20.74 21.51
N VAL B 151 -17.89 -20.69 22.66
CA VAL B 151 -16.92 -19.61 22.92
C VAL B 151 -15.59 -20.15 23.44
N TYR B 152 -14.49 -19.74 22.81
CA TYR B 152 -13.18 -20.22 23.20
C TYR B 152 -12.27 -19.02 23.43
N SER B 153 -11.29 -19.18 24.31
CA SER B 153 -10.29 -18.13 24.47
C SER B 153 -9.11 -18.45 23.56
N GLU B 154 -8.70 -17.47 22.76
CA GLU B 154 -7.59 -17.65 21.85
C GLU B 154 -6.32 -18.05 22.60
N ASN B 155 -6.30 -17.79 23.90
CA ASN B 155 -5.11 -18.05 24.71
C ASN B 155 -5.08 -19.44 25.30
N GLU B 156 -6.24 -20.08 25.37
CA GLU B 156 -6.35 -21.38 26.01
C GLU B 156 -6.24 -22.52 25.00
N LEU B 157 -6.68 -22.30 23.78
CA LEU B 157 -6.48 -23.25 22.70
C LEU B 157 -4.99 -23.37 22.42
N MET B 158 -4.52 -24.59 22.18
CA MET B 158 -3.09 -24.82 21.91
C MET B 158 -2.21 -24.03 22.88
N SER B 159 -2.51 -24.11 24.17
CA SER B 159 -1.88 -23.24 25.17
C SER B 159 -0.39 -23.54 25.40
N GLY B 160 0.09 -24.64 24.86
CA GLY B 160 1.51 -24.94 24.89
C GLY B 160 2.35 -23.90 24.15
N TYR B 161 1.76 -23.25 23.15
CA TYR B 161 2.44 -22.24 22.36
C TYR B 161 2.40 -20.88 23.04
N GLY B 162 1.82 -20.82 24.23
CA GLY B 162 1.73 -19.58 24.98
C GLY B 162 0.57 -18.70 24.55
N ASP B 163 0.51 -17.48 25.06
CA ASP B 163 -0.58 -16.59 24.71
C ASP B 163 -0.59 -16.32 23.22
N ALA B 164 -1.77 -15.98 22.71
CA ALA B 164 -2.00 -15.84 21.27
C ALA B 164 -1.32 -14.61 20.68
N HIS B 165 -0.63 -14.81 19.56
CA HIS B 165 -0.06 -13.71 18.78
C HIS B 165 -1.06 -13.19 17.75
N GLY B 166 -2.05 -12.42 18.19
CA GLY B 166 -2.95 -11.75 17.29
C GLY B 166 -3.92 -12.60 16.47
N LYS B 167 -4.53 -11.97 15.48
CA LYS B 167 -5.60 -12.58 14.69
C LYS B 167 -5.21 -13.90 14.00
N GLY B 168 -4.10 -13.90 13.29
CA GLY B 168 -3.64 -15.10 12.62
C GLY B 168 -3.55 -16.31 13.55
N ASP B 169 -2.97 -16.10 14.73
CA ASP B 169 -2.77 -17.16 15.71
C ASP B 169 -4.11 -17.72 16.18
N ALA B 170 -5.03 -16.83 16.54
CA ALA B 170 -6.36 -17.23 16.99
C ALA B 170 -7.11 -18.04 15.92
N MET B 171 -6.86 -17.72 14.66
CA MET B 171 -7.54 -18.39 13.54
C MET B 171 -6.98 -19.79 13.33
N TRP B 172 -5.67 -19.91 13.47
CA TRP B 172 -5.00 -21.20 13.35
C TRP B 172 -5.43 -22.11 14.49
N ARG B 173 -5.43 -21.57 15.70
CA ARG B 173 -5.82 -22.31 16.90
C ARG B 173 -7.25 -22.82 16.79
N ALA B 174 -8.12 -22.04 16.17
CA ALA B 174 -9.50 -22.45 15.99
C ALA B 174 -9.60 -23.81 15.31
N LEU B 175 -8.64 -24.15 14.46
CA LEU B 175 -8.69 -25.40 13.73
C LEU B 175 -8.71 -26.62 14.66
N SER B 176 -8.32 -26.42 15.92
CA SER B 176 -8.26 -27.53 16.88
C SER B 176 -9.62 -27.80 17.50
N VAL B 177 -10.53 -26.86 17.35
CA VAL B 177 -11.88 -27.02 17.90
C VAL B 177 -12.96 -26.99 16.80
N THR B 178 -12.54 -26.83 15.55
CA THR B 178 -13.47 -26.91 14.44
C THR B 178 -13.72 -28.37 14.07
N ARG B 179 -15.00 -28.75 14.03
CA ARG B 179 -15.37 -30.14 13.77
C ARG B 179 -15.88 -30.33 12.33
N GLY B 180 -16.25 -29.24 11.67
CA GLY B 180 -16.84 -29.33 10.35
C GLY B 180 -15.90 -29.80 9.25
N ASP B 181 -16.47 -30.43 8.21
CA ASP B 181 -15.69 -30.77 7.03
C ASP B 181 -15.16 -29.50 6.40
N LEU B 182 -16.03 -28.49 6.30
CA LEU B 182 -15.65 -27.19 5.77
C LEU B 182 -15.49 -26.17 6.89
N VAL B 183 -14.53 -25.26 6.71
CA VAL B 183 -14.28 -24.21 7.68
C VAL B 183 -14.48 -22.86 7.02
N LEU B 184 -15.38 -22.08 7.60
CA LEU B 184 -15.74 -20.77 7.08
C LEU B 184 -15.34 -19.71 8.10
N TYR B 185 -14.37 -18.88 7.75
CA TYR B 185 -14.02 -17.75 8.59
C TYR B 185 -14.95 -16.57 8.31
N ILE B 186 -15.32 -15.84 9.36
CA ILE B 186 -16.27 -14.74 9.26
C ILE B 186 -15.92 -13.64 10.26
N ASP B 187 -15.69 -12.43 9.76
CA ASP B 187 -15.46 -11.28 10.62
C ASP B 187 -16.66 -11.10 11.55
N ALA B 188 -16.40 -10.65 12.77
CA ALA B 188 -17.43 -10.56 13.81
C ALA B 188 -17.75 -9.12 14.21
N ASP B 189 -17.12 -8.15 13.56
CA ASP B 189 -17.36 -6.74 13.86
C ASP B 189 -18.36 -6.12 12.87
N THR B 190 -18.88 -6.94 11.96
CA THR B 190 -19.80 -6.49 10.91
C THR B 190 -21.08 -5.90 11.48
N ARG B 191 -21.32 -4.62 11.20
CA ARG B 191 -22.46 -3.90 11.76
C ARG B 191 -23.81 -4.43 11.29
N ASP B 192 -23.98 -4.54 9.98
CA ASP B 192 -25.25 -4.99 9.41
C ASP B 192 -25.08 -6.31 8.68
N PHE B 193 -25.22 -7.41 9.41
CA PHE B 193 -24.99 -8.74 8.85
C PHE B 193 -26.18 -9.22 8.04
N ARG B 194 -25.91 -9.56 6.78
CA ARG B 194 -26.93 -10.12 5.89
C ARG B 194 -26.59 -11.59 5.65
N PRO B 195 -27.62 -12.43 5.49
CA PRO B 195 -27.48 -13.88 5.34
C PRO B 195 -26.35 -14.34 4.41
N GLN B 196 -26.22 -13.71 3.24
CA GLN B 196 -25.26 -14.18 2.24
C GLN B 196 -23.79 -13.94 2.65
N LEU B 197 -23.58 -13.23 3.74
CA LEU B 197 -22.23 -13.09 4.28
C LEU B 197 -21.77 -14.43 4.84
N ALA B 198 -22.74 -15.29 5.16
CA ALA B 198 -22.44 -16.61 5.66
C ALA B 198 -22.53 -17.68 4.56
N TYR B 199 -23.51 -17.58 3.68
CA TYR B 199 -23.70 -18.66 2.71
C TYR B 199 -23.12 -18.42 1.32
N GLY B 200 -22.91 -17.17 0.97
CA GLY B 200 -22.44 -16.82 -0.36
C GLY B 200 -21.26 -17.67 -0.77
N VAL B 201 -20.18 -17.61 0.01
CA VAL B 201 -18.92 -18.26 -0.34
C VAL B 201 -18.99 -19.79 -0.35
N LEU B 202 -19.97 -20.37 0.34
CA LEU B 202 -20.21 -21.82 0.31
C LEU B 202 -20.62 -22.31 -1.08
N GLY B 203 -21.19 -21.42 -1.88
CA GLY B 203 -21.75 -21.77 -3.17
C GLY B 203 -20.85 -22.63 -4.04
N PRO B 204 -19.65 -22.14 -4.38
CA PRO B 204 -18.75 -22.86 -5.28
C PRO B 204 -18.11 -24.12 -4.66
N VAL B 205 -17.93 -24.19 -3.35
CA VAL B 205 -17.35 -25.38 -2.74
C VAL B 205 -18.34 -26.54 -2.84
N LEU B 206 -19.62 -26.21 -2.70
CA LEU B 206 -20.68 -27.21 -2.70
C LEU B 206 -21.10 -27.57 -4.12
N GLU B 207 -21.13 -26.56 -4.99
CA GLU B 207 -21.75 -26.70 -6.30
C GLU B 207 -20.79 -26.94 -7.47
N VAL B 208 -19.53 -26.58 -7.30
CA VAL B 208 -18.57 -26.65 -8.40
C VAL B 208 -17.39 -27.55 -8.08
N PRO B 209 -17.47 -28.84 -8.46
CA PRO B 209 -16.36 -29.77 -8.22
C PRO B 209 -15.04 -29.22 -8.75
N GLY B 210 -14.03 -29.19 -7.89
CA GLY B 210 -12.73 -28.67 -8.24
C GLY B 210 -12.39 -27.47 -7.40
N VAL B 211 -13.40 -26.82 -6.85
CA VAL B 211 -13.19 -25.60 -6.09
C VAL B 211 -13.06 -25.92 -4.61
N ARG B 212 -11.99 -25.44 -4.00
CA ARG B 212 -11.70 -25.76 -2.60
C ARG B 212 -11.67 -24.53 -1.71
N PHE B 213 -11.41 -23.39 -2.31
CA PHE B 213 -11.20 -22.17 -1.55
C PHE B 213 -11.96 -21.05 -2.21
N VAL B 214 -12.84 -20.41 -1.46
CA VAL B 214 -13.66 -19.33 -1.99
C VAL B 214 -13.56 -18.06 -1.13
N LYS B 215 -13.27 -16.93 -1.79
CA LYS B 215 -13.12 -15.66 -1.10
C LYS B 215 -14.34 -14.79 -1.38
N ALA B 216 -14.79 -14.07 -0.37
CA ALA B 216 -15.88 -13.11 -0.55
C ALA B 216 -15.45 -11.93 -1.40
N ALA B 217 -16.39 -11.35 -2.14
CA ALA B 217 -16.18 -10.08 -2.82
C ALA B 217 -17.37 -9.17 -2.52
N TYR B 218 -17.13 -7.87 -2.45
CA TYR B 218 -18.18 -6.95 -2.02
C TYR B 218 -17.78 -5.50 -2.28
N ARG B 219 -18.70 -4.56 -2.03
CA ARG B 219 -18.42 -3.15 -2.25
C ARG B 219 -19.05 -2.28 -1.15
N ARG B 220 -18.42 -1.13 -0.88
CA ARG B 220 -18.97 -0.18 0.08
C ARG B 220 -20.23 0.45 -0.48
N PRO B 221 -21.06 1.01 0.40
CA PRO B 221 -22.26 1.72 -0.06
C PRO B 221 -21.90 3.02 -0.78
N GLU B 230 -17.91 1.88 -7.76
CA GLU B 230 -16.68 1.20 -8.15
C GLU B 230 -15.68 1.01 -6.99
N ASP B 231 -15.70 -0.18 -6.39
CA ASP B 231 -14.96 -0.45 -5.16
C ASP B 231 -13.86 -1.51 -5.33
N GLY B 232 -12.62 -1.11 -5.14
CA GLY B 232 -11.49 -2.04 -5.21
C GLY B 232 -10.91 -2.42 -3.86
N GLY B 233 -11.67 -2.20 -2.80
CA GLY B 233 -11.25 -2.58 -1.46
C GLY B 233 -10.84 -1.41 -0.57
N GLY B 234 -10.50 -1.72 0.68
CA GLY B 234 -9.98 -0.72 1.60
C GLY B 234 -8.55 -0.33 1.25
N ARG B 235 -8.04 0.67 1.97
CA ARG B 235 -6.72 1.21 1.68
C ARG B 235 -5.59 0.17 1.62
N VAL B 236 -5.47 -0.70 2.62
CA VAL B 236 -4.41 -1.71 2.64
C VAL B 236 -4.49 -2.65 1.44
N THR B 237 -5.71 -3.02 1.08
CA THR B 237 -5.97 -3.88 -0.07
C THR B 237 -5.55 -3.19 -1.37
N GLU B 238 -6.00 -1.95 -1.54
CA GLU B 238 -5.76 -1.18 -2.73
C GLU B 238 -4.28 -0.84 -2.87
N LEU B 239 -3.66 -0.49 -1.75
CA LEU B 239 -2.35 0.16 -1.79
C LEU B 239 -1.19 -0.75 -1.39
N THR B 240 -1.49 -1.91 -0.84
CA THR B 240 -0.42 -2.84 -0.44
C THR B 240 -0.60 -4.22 -1.05
N ALA B 241 -1.76 -4.82 -0.79
CA ALA B 241 -2.04 -6.17 -1.28
C ALA B 241 -1.97 -6.26 -2.82
N LYS B 242 -2.84 -5.54 -3.51
CA LYS B 242 -2.92 -5.69 -4.97
C LYS B 242 -1.64 -5.31 -5.73
N PRO B 243 -0.99 -4.19 -5.36
CA PRO B 243 0.29 -3.86 -5.99
C PRO B 243 1.30 -4.99 -5.80
N LEU B 244 1.42 -5.52 -4.58
CA LEU B 244 2.34 -6.62 -4.31
C LEU B 244 1.93 -7.91 -5.02
N PHE B 245 0.63 -8.17 -5.07
CA PHE B 245 0.14 -9.36 -5.78
C PHE B 245 0.38 -9.24 -7.28
N ASN B 246 0.06 -8.08 -7.84
CA ASN B 246 0.24 -7.86 -9.27
C ASN B 246 1.68 -8.09 -9.71
N LEU B 247 2.62 -7.85 -8.82
CA LEU B 247 4.03 -7.95 -9.17
C LEU B 247 4.57 -9.35 -8.90
N PHE B 248 4.35 -9.82 -7.67
CA PHE B 248 4.95 -11.07 -7.19
C PHE B 248 4.04 -12.30 -7.28
N TYR B 249 2.73 -12.07 -7.40
CA TYR B 249 1.77 -13.17 -7.47
C TYR B 249 0.63 -12.86 -8.43
N PRO B 250 0.96 -12.73 -9.73
CA PRO B 250 0.01 -12.29 -10.76
C PRO B 250 -1.29 -13.08 -10.71
N GLU B 251 -1.22 -14.33 -10.28
CA GLU B 251 -2.38 -15.20 -10.27
C GLU B 251 -3.46 -14.74 -9.30
N LEU B 252 -3.09 -13.93 -8.32
CA LEU B 252 -4.05 -13.45 -7.33
C LEU B 252 -4.63 -12.06 -7.65
N ALA B 253 -4.18 -11.46 -8.75
CA ALA B 253 -4.57 -10.08 -9.08
C ALA B 253 -6.07 -9.93 -9.39
N GLY B 254 -6.72 -11.03 -9.74
CA GLY B 254 -8.13 -11.02 -10.10
C GLY B 254 -9.09 -11.03 -8.92
N PHE B 255 -8.54 -11.19 -7.72
CA PHE B 255 -9.38 -11.13 -6.52
C PHE B 255 -9.78 -9.71 -6.18
N VAL B 256 -11.08 -9.48 -6.01
CA VAL B 256 -11.56 -8.15 -5.65
C VAL B 256 -11.26 -7.80 -4.18
N GLN B 257 -11.45 -8.76 -3.28
CA GLN B 257 -11.16 -8.54 -1.86
C GLN B 257 -10.24 -9.64 -1.34
N PRO B 258 -8.96 -9.60 -1.72
CA PRO B 258 -8.01 -10.66 -1.40
C PRO B 258 -7.85 -10.82 0.11
N LEU B 259 -8.11 -9.75 0.85
CA LEU B 259 -7.90 -9.75 2.29
C LEU B 259 -9.20 -9.88 3.08
N ALA B 260 -10.29 -10.16 2.38
CA ALA B 260 -11.61 -10.29 2.99
C ALA B 260 -11.56 -11.23 4.18
N GLY B 261 -12.38 -10.94 5.19
CA GLY B 261 -12.44 -11.76 6.38
C GLY B 261 -13.29 -13.00 6.19
N GLU B 262 -14.24 -12.93 5.27
CA GLU B 262 -15.11 -14.05 4.95
C GLU B 262 -14.53 -14.89 3.82
N PHE B 263 -14.29 -16.16 4.13
CA PHE B 263 -13.87 -17.12 3.12
C PHE B 263 -14.02 -18.53 3.68
N VAL B 264 -13.87 -19.54 2.81
CA VAL B 264 -14.12 -20.91 3.21
C VAL B 264 -13.21 -21.88 2.45
N ALA B 265 -12.82 -22.96 3.13
CA ALA B 265 -12.14 -24.06 2.48
C ALA B 265 -12.40 -25.28 3.31
N ASP B 266 -12.08 -26.46 2.77
CA ASP B 266 -12.19 -27.67 3.54
C ASP B 266 -11.14 -27.63 4.66
N ARG B 267 -11.47 -28.26 5.79
CA ARG B 267 -10.60 -28.25 6.97
C ARG B 267 -9.25 -28.90 6.69
N GLU B 268 -9.24 -29.95 5.87
CA GLU B 268 -7.99 -30.57 5.46
C GLU B 268 -7.05 -29.51 4.88
N LEU B 269 -7.56 -28.70 3.96
CA LEU B 269 -6.72 -27.70 3.33
C LEU B 269 -6.09 -26.76 4.37
N PHE B 270 -6.92 -26.20 5.25
CA PHE B 270 -6.44 -25.29 6.28
C PHE B 270 -5.43 -25.94 7.22
N CYS B 271 -5.57 -27.25 7.41
CA CYS B 271 -4.69 -27.98 8.32
C CYS B 271 -3.38 -28.36 7.69
N SER B 272 -3.26 -28.16 6.38
CA SER B 272 -2.04 -28.59 5.69
C SER B 272 -1.15 -27.42 5.34
N ILE B 273 -1.66 -26.19 5.51
CA ILE B 273 -0.84 -24.99 5.30
C ILE B 273 -0.43 -24.32 6.62
N PRO B 274 0.70 -23.61 6.60
CA PRO B 274 1.11 -22.80 7.75
C PRO B 274 0.13 -21.65 7.95
N PHE B 275 0.23 -20.98 9.09
CA PHE B 275 -0.55 -19.79 9.38
C PHE B 275 0.35 -18.68 9.91
N LEU B 276 0.42 -17.56 9.21
CA LEU B 276 1.12 -16.41 9.75
C LEU B 276 0.24 -15.80 10.83
N THR B 277 0.85 -15.32 11.92
CA THR B 277 0.11 -14.70 13.03
C THR B 277 -0.20 -13.23 12.76
N GLY B 278 -0.89 -12.60 13.69
CA GLY B 278 -1.23 -11.19 13.54
C GLY B 278 -1.94 -10.86 12.23
N TYR B 279 -1.50 -9.79 11.58
CA TYR B 279 -2.21 -9.31 10.39
C TYR B 279 -1.59 -9.80 9.09
N ALA B 280 -0.64 -10.72 9.21
CA ALA B 280 -0.05 -11.32 8.02
C ALA B 280 -0.94 -12.46 7.52
N VAL B 281 -1.84 -12.93 8.37
CA VAL B 281 -2.55 -14.17 8.13
C VAL B 281 -3.28 -14.22 6.80
N GLU B 282 -4.02 -13.16 6.48
CA GLU B 282 -4.88 -13.19 5.30
C GLU B 282 -4.04 -13.31 4.04
N THR B 283 -2.97 -12.53 4.00
CA THR B 283 -2.03 -12.58 2.88
C THR B 283 -1.41 -13.97 2.78
N GLY B 284 -0.91 -14.48 3.89
CA GLY B 284 -0.29 -15.79 3.92
C GLY B 284 -1.19 -16.87 3.34
N ILE B 285 -2.42 -16.94 3.83
CA ILE B 285 -3.34 -17.97 3.35
C ILE B 285 -3.54 -17.86 1.84
N MET B 286 -3.62 -16.63 1.36
CA MET B 286 -3.83 -16.44 -0.06
C MET B 286 -2.68 -17.04 -0.85
N ILE B 287 -1.45 -16.77 -0.43
CA ILE B 287 -0.30 -17.33 -1.12
C ILE B 287 -0.22 -18.85 -0.95
N ASP B 288 -0.40 -19.33 0.27
CA ASP B 288 -0.21 -20.75 0.59
C ASP B 288 -1.25 -21.65 -0.05
N VAL B 289 -2.49 -21.18 -0.08
CA VAL B 289 -3.55 -21.90 -0.79
C VAL B 289 -3.21 -21.95 -2.29
N LEU B 290 -2.82 -20.82 -2.83
CA LEU B 290 -2.45 -20.76 -4.23
C LEU B 290 -1.44 -21.86 -4.56
N LYS B 291 -0.37 -21.94 -3.76
CA LYS B 291 0.66 -22.97 -3.98
C LYS B 291 0.13 -24.39 -3.82
N LYS B 292 -0.77 -24.56 -2.84
CA LYS B 292 -1.22 -25.89 -2.44
C LYS B 292 -2.15 -26.57 -3.42
N VAL B 293 -3.12 -25.80 -3.93
CA VAL B 293 -4.22 -26.39 -4.70
C VAL B 293 -4.37 -25.84 -6.12
N GLY B 294 -3.66 -24.75 -6.42
CA GLY B 294 -3.70 -24.16 -7.75
C GLY B 294 -4.78 -23.10 -7.90
N LEU B 295 -4.50 -22.07 -8.70
CA LEU B 295 -5.45 -20.99 -8.93
C LEU B 295 -6.82 -21.51 -9.36
N GLY B 296 -6.83 -22.57 -10.15
CA GLY B 296 -8.07 -23.14 -10.66
C GLY B 296 -9.04 -23.56 -9.56
N ALA B 297 -8.51 -23.82 -8.37
CA ALA B 297 -9.31 -24.31 -7.25
C ALA B 297 -9.73 -23.20 -6.30
N MET B 298 -9.45 -21.96 -6.68
CA MET B 298 -9.86 -20.81 -5.90
C MET B 298 -10.95 -20.06 -6.64
N ALA B 299 -11.87 -19.44 -5.91
CA ALA B 299 -12.96 -18.66 -6.51
C ALA B 299 -13.38 -17.51 -5.60
N GLN B 300 -14.21 -16.62 -6.13
CA GLN B 300 -14.78 -15.54 -5.32
C GLN B 300 -16.28 -15.37 -5.63
N VAL B 301 -17.03 -14.89 -4.64
CA VAL B 301 -18.48 -14.71 -4.79
C VAL B 301 -18.88 -13.30 -4.38
N ASP B 302 -19.38 -12.53 -5.35
CA ASP B 302 -19.92 -11.21 -5.05
C ASP B 302 -21.06 -11.33 -4.05
N LEU B 303 -20.91 -10.65 -2.92
CA LEU B 303 -21.89 -10.72 -1.82
C LEU B 303 -22.72 -9.45 -1.70
N GLY B 304 -22.67 -8.60 -2.72
CA GLY B 304 -23.41 -7.36 -2.71
C GLY B 304 -22.72 -6.26 -1.94
N GLU B 305 -23.49 -5.42 -1.26
CA GLU B 305 -22.94 -4.32 -0.49
C GLU B 305 -22.65 -4.74 0.95
N ARG B 306 -21.54 -4.26 1.48
CA ARG B 306 -21.30 -4.39 2.92
C ARG B 306 -20.55 -3.17 3.43
N GLN B 307 -21.02 -2.64 4.56
CA GLN B 307 -20.44 -1.46 5.16
C GLN B 307 -19.22 -1.83 5.97
N ASN B 308 -18.06 -1.32 5.55
CA ASN B 308 -16.81 -1.54 6.28
C ASN B 308 -16.37 -0.28 7.01
N ARG B 309 -15.21 -0.34 7.67
CA ARG B 309 -14.65 0.86 8.31
C ARG B 309 -13.18 0.67 8.66
N HIS B 312 -8.23 4.00 11.02
CA HIS B 312 -7.22 5.02 11.27
C HIS B 312 -5.90 4.74 10.55
N LEU B 313 -5.58 5.62 9.59
CA LEU B 313 -4.43 5.45 8.69
C LEU B 313 -3.12 5.12 9.41
N ARG B 314 -3.05 5.43 10.71
CA ARG B 314 -1.85 5.14 11.50
C ARG B 314 -1.68 3.64 11.67
N ASP B 315 -2.68 3.01 12.26
CA ASP B 315 -2.65 1.58 12.57
C ASP B 315 -2.60 0.77 11.28
N LEU B 316 -3.17 1.32 10.21
CA LEU B 316 -3.15 0.67 8.93
C LEU B 316 -1.70 0.51 8.49
N SER B 317 -0.85 1.44 8.91
CA SER B 317 0.54 1.42 8.48
C SER B 317 1.18 0.10 8.90
N ARG B 318 0.82 -0.37 10.11
CA ARG B 318 1.35 -1.62 10.62
C ARG B 318 0.70 -2.82 9.95
N MET B 319 -0.57 -2.68 9.60
CA MET B 319 -1.28 -3.67 8.82
C MET B 319 -0.57 -3.90 7.48
N SER B 320 -0.30 -2.82 6.77
CA SER B 320 0.41 -2.87 5.49
C SER B 320 1.80 -3.49 5.64
N TYR B 321 2.45 -3.23 6.75
CA TYR B 321 3.78 -3.79 6.99
C TYR B 321 3.67 -5.29 7.11
N ALA B 322 2.63 -5.76 7.79
CA ALA B 322 2.45 -7.18 7.97
C ALA B 322 2.28 -7.83 6.61
N VAL B 323 1.50 -7.19 5.74
CA VAL B 323 1.33 -7.70 4.39
C VAL B 323 2.68 -7.77 3.67
N VAL B 324 3.46 -6.70 3.75
CA VAL B 324 4.77 -6.68 3.11
C VAL B 324 5.68 -7.77 3.68
N ARG B 325 5.66 -7.94 5.00
CA ARG B 325 6.48 -8.99 5.61
C ARG B 325 6.09 -10.38 5.10
N ALA B 326 4.78 -10.62 4.95
CA ALA B 326 4.28 -11.91 4.49
C ALA B 326 4.84 -12.24 3.11
N VAL B 327 4.62 -11.33 2.16
CA VAL B 327 5.17 -11.51 0.82
C VAL B 327 6.68 -11.72 0.90
N ALA B 328 7.38 -10.82 1.59
CA ALA B 328 8.84 -10.90 1.72
C ALA B 328 9.25 -12.29 2.18
N ARG B 329 8.64 -12.75 3.27
CA ARG B 329 8.96 -14.06 3.80
C ARG B 329 8.76 -15.15 2.76
N ARG B 330 7.66 -15.09 2.03
CA ARG B 330 7.36 -16.13 1.04
C ARG B 330 8.35 -16.04 -0.11
N LEU B 331 8.71 -14.81 -0.50
CA LEU B 331 9.74 -14.61 -1.50
C LEU B 331 11.07 -15.21 -1.03
N ARG B 332 11.47 -14.97 0.23
CA ARG B 332 12.70 -15.58 0.76
C ARG B 332 12.70 -17.10 0.52
N GLN B 333 11.61 -17.75 0.89
CA GLN B 333 11.52 -19.21 0.81
C GLN B 333 11.47 -19.76 -0.61
N GLU B 334 10.97 -18.96 -1.55
CA GLU B 334 10.91 -19.40 -2.93
C GLU B 334 12.26 -19.25 -3.61
N GLY B 335 13.17 -18.53 -2.96
CA GLY B 335 14.47 -18.25 -3.55
C GLY B 335 14.47 -17.00 -4.42
N ARG B 336 13.31 -16.38 -4.59
CA ARG B 336 13.22 -15.14 -5.35
C ARG B 336 13.90 -14.00 -4.62
N LEU B 337 13.77 -13.98 -3.31
CA LEU B 337 14.38 -12.93 -2.50
C LEU B 337 15.60 -13.48 -1.79
N GLN B 338 16.80 -13.05 -2.18
CA GLN B 338 18.01 -13.57 -1.55
C GLN B 338 18.37 -12.80 -0.29
N GLN B 339 19.53 -12.14 -0.30
CA GLN B 339 20.07 -11.48 0.88
C GLN B 339 19.40 -10.15 1.20
N LEU B 340 18.15 -10.23 1.67
CA LEU B 340 17.34 -9.07 2.04
C LEU B 340 18.17 -7.84 2.43
N SER B 348 22.25 -3.39 13.71
CA SER B 348 22.43 -2.14 12.98
C SER B 348 21.10 -1.39 12.88
N PHE B 349 20.80 -0.85 11.69
CA PHE B 349 19.47 -0.31 11.43
C PHE B 349 18.55 -1.43 10.93
N PHE B 350 18.95 -2.68 11.19
CA PHE B 350 18.22 -3.86 10.67
C PHE B 350 17.57 -4.72 11.75
N GLN B 351 16.24 -4.82 11.69
CA GLN B 351 15.46 -5.69 12.57
C GLN B 351 14.01 -5.71 12.10
N LEU B 352 13.63 -6.78 11.41
CA LEU B 352 12.35 -6.86 10.70
C LEU B 352 11.10 -6.57 11.53
N SER B 353 11.13 -6.93 12.81
CA SER B 353 9.96 -6.73 13.65
C SER B 353 9.97 -5.33 14.24
N ASP B 354 10.96 -4.53 13.85
CA ASP B 354 11.08 -3.17 14.34
C ASP B 354 10.71 -2.16 13.25
N TYR B 355 9.50 -1.62 13.36
CA TYR B 355 8.92 -0.75 12.34
C TYR B 355 9.02 0.72 12.73
N LEU B 356 9.85 1.47 12.00
CA LEU B 356 9.98 2.91 12.24
C LEU B 356 8.89 3.66 11.49
N HIS B 357 8.05 4.36 12.24
CA HIS B 357 6.98 5.14 11.66
C HIS B 357 7.19 6.62 11.96
N ALA B 358 7.76 7.35 11.00
CA ALA B 358 8.05 8.77 11.17
C ALA B 358 6.80 9.60 10.93
N VAL B 359 6.55 10.59 11.79
CA VAL B 359 5.35 11.40 11.67
C VAL B 359 5.56 12.87 12.02
N ALA B 360 4.70 13.72 11.47
CA ALA B 360 4.75 15.15 11.77
C ALA B 360 3.64 15.51 12.76
N THR B 361 4.00 16.16 13.85
CA THR B 361 3.01 16.59 14.84
C THR B 361 3.12 18.09 15.10
N PRO B 362 2.12 18.65 15.79
CA PRO B 362 2.15 20.06 16.18
C PRO B 362 3.43 20.40 16.95
N GLU B 363 3.92 19.46 17.76
CA GLU B 363 5.12 19.68 18.56
C GLU B 363 6.40 19.26 17.84
N GLY B 364 6.33 19.14 16.52
CA GLY B 364 7.48 18.83 15.70
C GLY B 364 7.51 17.41 15.19
N LEU B 365 8.61 17.02 14.55
CA LEU B 365 8.73 15.67 14.01
C LEU B 365 8.97 14.65 15.11
N LYS B 366 8.33 13.50 15.00
CA LYS B 366 8.48 12.46 15.98
C LYS B 366 8.66 11.13 15.27
N LEU B 367 9.64 10.36 15.73
CA LEU B 367 9.91 9.04 15.16
C LEU B 367 9.44 7.96 16.13
N GLN B 368 8.23 7.45 15.90
CA GLN B 368 7.69 6.42 16.77
C GLN B 368 8.10 5.03 16.28
N GLU B 369 8.14 4.08 17.21
CA GLU B 369 8.74 2.79 16.93
C GLU B 369 7.85 1.67 17.45
N TYR B 370 7.50 0.75 16.58
CA TYR B 370 6.67 -0.38 16.97
C TYR B 370 7.44 -1.67 16.86
N VAL B 371 7.05 -2.66 17.65
CA VAL B 371 7.60 -4.00 17.52
C VAL B 371 6.46 -5.01 17.52
N GLU B 372 6.37 -5.79 16.44
CA GLU B 372 5.43 -6.89 16.37
C GLU B 372 6.14 -8.09 15.76
N GLU B 373 6.03 -9.21 16.46
CA GLU B 373 6.69 -10.43 16.04
C GLU B 373 5.90 -11.10 14.93
N LEU B 374 6.57 -11.40 13.82
CA LEU B 374 5.95 -12.24 12.79
C LEU B 374 6.21 -13.73 13.03
N VAL B 375 5.19 -14.45 13.46
CA VAL B 375 5.38 -15.88 13.73
C VAL B 375 4.63 -16.72 12.71
N GLU B 376 5.30 -17.74 12.18
CA GLU B 376 4.66 -18.73 11.35
C GLU B 376 4.35 -20.00 12.12
N ARG B 377 3.06 -20.28 12.32
CA ARG B 377 2.63 -21.56 12.90
C ARG B 377 2.67 -22.61 11.80
N PRO B 378 3.15 -23.82 12.12
CA PRO B 378 3.24 -24.89 11.12
C PRO B 378 1.85 -25.43 10.75
N PRO B 379 1.73 -26.14 9.63
CA PRO B 379 0.45 -26.83 9.39
C PRO B 379 0.01 -27.54 10.67
N ILE B 380 -1.22 -27.32 11.11
CA ILE B 380 -1.66 -27.91 12.37
C ILE B 380 -1.64 -29.45 12.25
N ASN B 381 -1.60 -29.91 11.01
CA ASN B 381 -1.36 -31.29 10.65
C ASN B 381 -0.22 -31.93 11.39
N GLU B 382 0.84 -31.17 11.59
CA GLU B 382 2.08 -31.72 12.07
C GLU B 382 2.08 -31.71 13.59
N VAL B 383 1.01 -31.16 14.15
CA VAL B 383 0.86 -31.04 15.59
C VAL B 383 -0.26 -31.93 16.13
N LEU B 384 -1.33 -32.07 15.36
CA LEU B 384 -2.51 -32.78 15.81
C LEU B 384 -2.74 -34.10 15.08
N ARG B 385 -3.13 -35.13 15.84
CA ARG B 385 -3.53 -36.44 15.31
C ARG B 385 -2.37 -37.43 15.29
P 5GP C . 0.97 14.56 -8.18
O1P 5GP C . -0.06 14.05 -9.23
O2P 5GP C . 2.23 13.68 -8.19
O3P 5GP C . 0.34 14.56 -6.78
O5' 5GP C . 1.43 16.06 -8.45
C5' 5GP C . 2.80 16.43 -8.40
C4' 5GP C . 3.09 17.61 -9.31
O4' 5GP C . 3.53 17.12 -10.61
C3' 5GP C . 1.90 18.51 -9.60
O3' 5GP C . 2.37 19.86 -9.80
C2' 5GP C . 1.41 17.97 -10.90
O2' 5GP C . 0.53 18.71 -11.66
C1' 5GP C . 2.60 17.47 -11.57
N9 5GP C . 2.44 16.46 -12.57
C8 5GP C . 1.78 15.33 -12.41
N7 5GP C . 1.82 14.57 -13.50
C5 5GP C . 2.56 15.30 -14.37
C6 5GP C . 2.96 15.00 -15.73
O6 5GP C . 2.63 13.97 -16.28
N1 5GP C . 3.76 15.97 -16.44
C2 5GP C . 4.15 17.23 -15.75
N2 5GP C . 4.95 18.21 -16.45
N3 5GP C . 3.75 17.43 -14.48
C4 5GP C . 2.98 16.44 -13.86
CL CL D . 7.81 -2.30 -18.22
CL CL E . 11.30 -3.95 -13.70
MG MG F . 0.50 -8.10 -14.96
MG MG G . -0.22 15.54 -5.32
P 5GP H . -9.75 -6.91 11.80
O1P 5GP H . -8.59 -7.17 10.84
O2P 5GP H . -10.93 -6.19 11.10
O3P 5GP H . -9.34 -6.06 13.02
O5' 5GP H . -10.29 -8.30 12.36
C5' 5GP H . -11.44 -8.91 11.81
C4' 5GP H . -12.14 -9.78 12.84
O4' 5GP H . -11.13 -10.43 13.66
C3' 5GP H . -13.02 -9.01 13.81
O3' 5GP H . -14.08 -9.86 14.24
C2' 5GP H . -12.09 -8.76 14.95
O2' 5GP H . -12.57 -8.36 16.17
C1' 5GP H . -11.17 -9.90 14.93
N9 5GP H . -9.87 -9.77 15.53
C8 5GP H . -9.01 -8.81 15.30
N7 5GP H . -7.88 -8.96 16.00
C5 5GP H . -8.07 -10.09 16.70
C6 5GP H . -7.21 -10.79 17.66
O6 5GP H . -6.09 -10.38 17.95
N1 5GP H . -7.69 -12.01 18.27
C2 5GP H . -9.04 -12.50 17.91
N2 5GP H . -9.54 -13.73 18.52
N3 5GP H . -9.79 -11.80 17.02
C4 5GP H . -9.26 -10.63 16.46
CL CL I . 10.49 -11.58 13.74
MG MG J . -12.11 -5.35 9.84
#